data_7JMW
#
_entry.id   7JMW
#
_cell.length_a   57.403
_cell.length_b   124.905
_cell.length_c   57.614
_cell.angle_alpha   90.000
_cell.angle_beta   96.101
_cell.angle_gamma   90.000
#
_symmetry.space_group_name_H-M   'P 1 21 1'
#
loop_
_entity.id
_entity.type
_entity.pdbx_description
1 polymer 'Spike protein S1'
2 polymer 'COVA1-16 heavy chain'
3 polymer 'COVA1-16 light chain'
4 branched 2-acetamido-2-deoxy-beta-D-glucopyranose-(1-4)-2-acetamido-2-deoxy-beta-D-glucopyranose
#
loop_
_entity_poly.entity_id
_entity_poly.type
_entity_poly.pdbx_seq_one_letter_code
_entity_poly.pdbx_strand_id
1 'polypeptide(L)'
;RVQPTESIVRFPNITNLCPFGEVFNATRFASVYAWNRKRISNCVADYSVLYNSASFSTFKCYGVSPTKLNDLCFTNVYAD
SFVIRGDEVRQIAPGQTGKIADYNYKLPDDFTGCVIAWNSNNLDSKVGGNYNYLYRLFRKSNLKPFERDISTEIYQAGST
PCNGVEGFNCYFPLQSYGFQPTNGVGYQPYRVVVLSFELLHAPATVCGPKKSTNLVKNKCVNFSGHHHHHH
;
A
2 'polypeptide(L)'
;QVQLVQSGAEVKKPGASVKVSCKASGYTFTSYYMHWVRQAPGQGLEWMGIINSSGGSTSYAQKFQGRVTMTRDTSTSTVY
MELSSLRSEDTAVYYCARPPRNYYDRSGYYQRAEYFQHWGQGTLVTVSSASTKGPSVFPLAPSSKSTSGGTAALGCLVKD
YFPEPVTVSWNSGALTSGVHTFPAVLQSSGLYSLSSVVTVPSSSLGTQTYICNVNHKPSNTKVDKRVEPKSCHHHHHH
;
H
3 'polypeptide(L)'
;DIQLTQSPSSLSASVGDRVTITCQASQDISNYLNWYQQRPGKAPKLLIYDASNLETGVPSRFSGSGSGTDFTFTISSLQP
EDIATYYCQQYDNPPLTFGGGTKLEIKRTVAAPSVFIFPPSDEQLKSGTASVVCLLNNFYPREAKVQWKVDNALQSGNSQ
ESVTEQDSKDSTYSLSSTLTLSKADYEKHKVYACEVTHQGLSSPVTKSFNRGEC
;
L
#
# COMPACT_ATOMS: atom_id res chain seq x y z
N ASN A 16 40.17 27.65 21.92
CA ASN A 16 39.84 26.34 21.38
C ASN A 16 38.66 26.42 20.41
N LEU A 17 38.64 25.48 19.46
CA LEU A 17 37.55 25.37 18.49
C LEU A 17 37.50 23.94 17.99
N CYS A 18 36.28 23.38 17.94
CA CYS A 18 36.09 21.99 17.55
C CYS A 18 36.42 21.78 16.08
N PRO A 19 37.18 20.73 15.72
CA PRO A 19 37.69 20.57 14.34
C PRO A 19 36.63 20.08 13.35
N PHE A 20 35.70 20.97 12.99
CA PHE A 20 34.72 20.64 11.96
C PHE A 20 35.35 20.66 10.57
N GLY A 21 36.32 21.55 10.35
CA GLY A 21 37.04 21.57 9.10
C GLY A 21 37.74 20.27 8.80
N GLU A 22 38.22 19.58 9.84
CA GLU A 22 38.81 18.26 9.65
C GLU A 22 37.80 17.27 9.10
N VAL A 23 36.53 17.42 9.47
CA VAL A 23 35.51 16.46 9.04
C VAL A 23 35.05 16.78 7.63
N PHE A 24 34.66 18.03 7.36
CA PHE A 24 34.08 18.33 6.06
C PHE A 24 35.14 18.48 4.98
N ASN A 25 36.19 19.26 5.24
CA ASN A 25 37.19 19.56 4.22
C ASN A 25 38.29 18.52 4.19
N ALA A 26 37.95 17.27 4.52
CA ALA A 26 38.92 16.18 4.45
C ALA A 26 39.18 15.80 3.00
N THR A 27 40.42 15.36 2.73
CA THR A 27 40.82 15.06 1.36
C THR A 27 40.18 13.77 0.86
N ARG A 28 40.11 12.75 1.70
CA ARG A 28 39.52 11.47 1.34
C ARG A 28 38.36 11.15 2.28
N PHE A 29 37.34 10.52 1.74
CA PHE A 29 36.18 10.10 2.51
C PHE A 29 36.04 8.59 2.48
N ALA A 30 35.26 8.06 3.41
CA ALA A 30 35.10 6.63 3.56
C ALA A 30 34.00 6.09 2.66
N SER A 31 34.03 4.78 2.45
CA SER A 31 32.89 4.10 1.84
C SER A 31 31.79 3.92 2.87
N VAL A 32 30.57 3.70 2.39
CA VAL A 32 29.41 3.66 3.27
C VAL A 32 29.52 2.49 4.24
N TYR A 33 29.79 1.29 3.73
CA TYR A 33 29.84 0.11 4.57
C TYR A 33 30.88 0.26 5.68
N ALA A 34 31.92 1.04 5.44
CA ALA A 34 32.90 1.35 6.47
C ALA A 34 32.87 2.83 6.81
N TRP A 35 31.69 3.34 7.17
CA TRP A 35 31.51 4.77 7.35
C TRP A 35 32.33 5.28 8.53
N ASN A 36 32.89 6.48 8.38
CA ASN A 36 33.78 7.04 9.38
C ASN A 36 33.00 7.76 10.47
N ARG A 37 33.57 7.78 11.67
CA ARG A 37 32.95 8.43 12.82
C ARG A 37 34.03 9.20 13.57
N LYS A 38 33.80 10.51 13.73
CA LYS A 38 34.67 11.38 14.51
C LYS A 38 33.92 11.85 15.74
N ARG A 39 34.58 11.84 16.89
CA ARG A 39 33.96 12.27 18.14
C ARG A 39 34.49 13.64 18.51
N ILE A 40 33.60 14.62 18.60
CA ILE A 40 33.93 15.97 18.99
C ILE A 40 33.52 16.15 20.45
N SER A 41 34.50 16.57 21.26
CA SER A 41 34.42 16.61 22.70
C SER A 41 35.28 17.75 23.23
N ASN A 42 34.81 18.41 24.28
CA ASN A 42 35.57 19.39 25.05
C ASN A 42 36.16 20.49 24.16
N CYS A 43 35.27 21.36 23.69
CA CYS A 43 35.63 22.49 22.84
C CYS A 43 34.40 23.32 22.51
N VAL A 44 34.57 24.39 21.74
CA VAL A 44 33.48 25.28 21.36
C VAL A 44 33.31 25.22 19.85
N ALA A 45 32.07 25.09 19.39
CA ALA A 45 31.78 24.80 17.99
C ALA A 45 31.01 25.96 17.37
N ASP A 46 31.60 26.59 16.35
CA ASP A 46 30.93 27.65 15.58
C ASP A 46 30.11 26.99 14.48
N TYR A 47 28.82 26.79 14.74
CA TYR A 47 27.96 26.12 13.76
C TYR A 47 27.64 26.99 12.56
N SER A 48 27.78 28.31 12.68
CA SER A 48 27.36 29.23 11.61
C SER A 48 28.15 28.97 10.33
N VAL A 49 29.46 28.68 10.48
CA VAL A 49 30.29 28.35 9.32
C VAL A 49 29.61 27.31 8.46
N LEU A 50 28.84 26.41 9.07
CA LEU A 50 28.16 25.35 8.36
C LEU A 50 26.89 25.87 7.68
N TYR A 51 25.98 26.48 8.46
CA TYR A 51 24.68 26.87 7.91
C TYR A 51 24.73 28.20 7.18
N ASN A 52 25.88 28.46 6.54
CA ASN A 52 26.11 29.67 5.76
C ASN A 52 26.63 29.36 4.36
N SER A 53 27.02 28.12 4.06
CA SER A 53 27.64 27.79 2.81
C SER A 53 26.60 27.47 1.74
N ALA A 54 26.77 28.07 0.57
CA ALA A 54 25.97 27.74 -0.61
C ALA A 54 26.40 26.44 -1.29
N SER A 55 27.39 25.74 -0.74
CA SER A 55 27.86 24.47 -1.30
C SER A 55 26.97 23.28 -0.94
N PHE A 56 26.14 23.39 0.10
CA PHE A 56 25.43 22.25 0.65
C PHE A 56 24.18 21.96 -0.16
N SER A 57 24.21 20.85 -0.90
CA SER A 57 23.05 20.41 -1.65
C SER A 57 21.91 19.97 -0.73
N THR A 58 22.23 19.35 0.41
CA THR A 58 21.23 18.86 1.34
C THR A 58 21.60 19.30 2.76
N PHE A 59 20.60 19.67 3.56
CA PHE A 59 20.82 20.22 4.90
C PHE A 59 19.51 20.13 5.68
N LYS A 60 19.34 19.05 6.45
CA LYS A 60 18.15 18.84 7.26
C LYS A 60 18.55 18.59 8.71
N CYS A 61 17.78 19.12 9.66
CA CYS A 61 18.06 18.94 11.09
C CYS A 61 16.80 18.44 11.78
N TYR A 62 16.95 17.33 12.50
CA TYR A 62 15.91 16.70 13.28
C TYR A 62 16.05 17.05 14.75
N GLY A 63 14.91 17.37 15.38
CA GLY A 63 14.86 17.66 16.80
C GLY A 63 15.47 18.98 17.20
N VAL A 64 16.02 19.75 16.26
CA VAL A 64 16.71 20.99 16.59
C VAL A 64 16.84 21.81 15.31
N SER A 65 16.89 23.14 15.47
CA SER A 65 17.10 24.02 14.36
C SER A 65 18.55 24.52 14.36
N PRO A 66 19.17 24.72 13.18
CA PRO A 66 20.52 25.31 13.18
C PRO A 66 20.56 26.67 13.82
N THR A 67 19.51 27.46 13.58
CA THR A 67 19.34 28.77 14.20
C THR A 67 19.70 28.77 15.69
N LYS A 68 19.23 27.76 16.42
CA LYS A 68 19.46 27.67 17.85
C LYS A 68 20.74 26.91 18.21
N LEU A 69 21.47 26.40 17.24
CA LEU A 69 22.61 25.52 17.51
C LEU A 69 23.75 26.27 18.21
N ASN A 70 24.03 27.50 17.77
CA ASN A 70 25.15 28.24 18.35
C ASN A 70 24.93 28.64 19.80
N ASP A 71 23.76 28.37 20.37
CA ASP A 71 23.45 28.67 21.77
C ASP A 71 22.94 27.42 22.47
N LEU A 72 23.65 26.30 22.32
CA LEU A 72 23.25 25.05 22.92
C LEU A 72 24.46 24.28 23.39
N CYS A 73 24.24 23.40 24.38
CA CYS A 73 25.30 22.69 25.08
C CYS A 73 25.03 21.20 25.05
N PHE A 74 26.06 20.40 24.75
CA PHE A 74 25.89 18.97 24.56
C PHE A 74 26.99 18.19 25.29
N THR A 75 26.64 16.96 25.64
CA THR A 75 27.61 16.05 26.25
C THR A 75 28.70 15.66 25.25
N ASN A 76 28.31 15.32 24.03
CA ASN A 76 29.25 14.92 22.99
C ASN A 76 28.58 15.09 21.64
N VAL A 77 29.40 15.20 20.59
CA VAL A 77 28.88 15.28 19.24
C VAL A 77 29.61 14.25 18.38
N TYR A 78 28.90 13.66 17.43
CA TYR A 78 29.47 12.67 16.53
C TYR A 78 29.33 13.15 15.08
N ALA A 79 30.43 13.16 14.35
CA ALA A 79 30.44 13.55 12.94
C ALA A 79 30.73 12.29 12.13
N ASP A 80 29.69 11.72 11.54
CA ASP A 80 29.83 10.58 10.64
C ASP A 80 30.05 11.07 9.23
N SER A 81 30.92 10.39 8.50
CA SER A 81 31.30 10.80 7.16
C SER A 81 31.28 9.61 6.22
N PHE A 82 30.76 9.82 5.01
CA PHE A 82 30.84 8.79 3.97
C PHE A 82 30.48 9.40 2.62
N VAL A 83 30.45 8.55 1.60
CA VAL A 83 30.16 8.93 0.22
C VAL A 83 29.15 7.94 -0.34
N ILE A 84 28.03 8.46 -0.85
CA ILE A 84 27.02 7.62 -1.48
C ILE A 84 26.69 8.23 -2.84
N ARG A 85 25.89 7.52 -3.62
CA ARG A 85 25.53 8.11 -4.90
C ARG A 85 24.32 9.03 -4.74
N GLY A 86 23.96 9.71 -5.83
CA GLY A 86 23.15 10.92 -5.72
C GLY A 86 21.77 10.67 -5.12
N ASP A 87 21.04 9.71 -5.68
CA ASP A 87 19.66 9.47 -5.27
C ASP A 87 19.54 8.49 -4.11
N GLU A 88 20.63 8.25 -3.38
CA GLU A 88 20.56 7.49 -2.14
C GLU A 88 20.59 8.40 -0.91
N VAL A 89 20.84 9.69 -1.09
CA VAL A 89 20.93 10.63 0.04
C VAL A 89 19.60 10.74 0.75
N ARG A 90 18.49 10.52 0.05
CA ARG A 90 17.18 10.53 0.68
C ARG A 90 16.99 9.37 1.65
N GLN A 91 17.91 8.39 1.68
CA GLN A 91 17.83 7.28 2.60
C GLN A 91 18.47 7.56 3.94
N ILE A 92 19.19 8.67 4.09
CA ILE A 92 19.78 9.04 5.38
C ILE A 92 18.77 9.94 6.07
N ALA A 93 17.72 9.32 6.60
CA ALA A 93 16.65 10.00 7.30
C ALA A 93 15.93 8.98 8.15
N PRO A 94 15.35 9.38 9.29
CA PRO A 94 14.65 8.42 10.15
C PRO A 94 13.50 7.73 9.42
N GLY A 95 13.49 6.41 9.49
CA GLY A 95 12.40 5.62 8.96
C GLY A 95 12.51 5.23 7.51
N GLN A 96 13.60 5.58 6.84
CA GLN A 96 13.77 5.25 5.43
C GLN A 96 14.40 3.88 5.27
N THR A 97 14.03 3.19 4.20
CA THR A 97 14.60 1.91 3.84
C THR A 97 15.22 1.98 2.46
N GLY A 98 16.02 0.97 2.15
CA GLY A 98 16.86 0.98 0.97
C GLY A 98 18.20 0.39 1.31
N LYS A 99 19.01 0.05 0.30
CA LYS A 99 20.25 -0.69 0.57
C LYS A 99 21.20 0.10 1.46
N ILE A 100 21.24 1.43 1.31
CA ILE A 100 22.10 2.23 2.18
C ILE A 100 21.52 2.28 3.59
N ALA A 101 20.21 2.52 3.70
CA ALA A 101 19.60 2.61 5.02
C ALA A 101 19.53 1.25 5.71
N ASP A 102 19.43 0.17 4.94
CA ASP A 102 19.27 -1.16 5.51
C ASP A 102 20.60 -1.83 5.82
N TYR A 103 21.55 -1.80 4.88
CA TYR A 103 22.76 -2.61 4.97
C TYR A 103 24.02 -1.77 5.10
N ASN A 104 23.91 -0.47 5.32
CA ASN A 104 25.10 0.37 5.29
C ASN A 104 25.12 1.39 6.43
N TYR A 105 24.25 2.39 6.38
CA TYR A 105 24.15 3.40 7.43
C TYR A 105 22.70 3.57 7.81
N LYS A 106 22.41 3.45 9.11
CA LYS A 106 21.05 3.48 9.63
C LYS A 106 20.92 4.56 10.69
N LEU A 107 19.91 5.40 10.56
CA LEU A 107 19.59 6.42 11.56
C LEU A 107 18.39 5.99 12.40
N PRO A 108 18.39 6.27 13.70
CA PRO A 108 17.27 5.87 14.54
C PRO A 108 16.05 6.75 14.29
N ASP A 109 14.91 6.27 14.80
CA ASP A 109 13.66 7.02 14.64
C ASP A 109 13.68 8.31 15.45
N ASP A 110 14.20 8.25 16.68
CA ASP A 110 14.29 9.42 17.55
C ASP A 110 15.54 10.25 17.30
N PHE A 111 16.08 10.20 16.08
CA PHE A 111 17.34 10.86 15.78
C PHE A 111 17.26 12.36 16.05
N THR A 112 18.30 12.88 16.71
CA THR A 112 18.45 14.31 16.96
C THR A 112 19.79 14.74 16.38
N GLY A 113 19.75 15.54 15.33
CA GLY A 113 20.99 15.91 14.68
C GLY A 113 20.74 16.52 13.31
N CYS A 114 21.75 16.39 12.44
CA CYS A 114 21.68 17.03 11.14
C CYS A 114 22.33 16.15 10.07
N VAL A 115 21.78 16.20 8.87
CA VAL A 115 22.31 15.53 7.70
C VAL A 115 22.68 16.61 6.69
N ILE A 116 23.94 16.60 6.25
CA ILE A 116 24.47 17.59 5.32
C ILE A 116 25.15 16.84 4.18
N ALA A 117 24.94 17.30 2.95
CA ALA A 117 25.49 16.59 1.81
C ALA A 117 25.75 17.53 0.65
N TRP A 118 26.83 17.26 -0.09
CA TRP A 118 27.16 18.08 -1.26
C TRP A 118 27.75 17.22 -2.38
N ASN A 119 27.68 17.75 -3.59
CA ASN A 119 28.04 17.01 -4.81
C ASN A 119 29.55 16.95 -4.94
N SER A 120 30.09 15.75 -5.09
CA SER A 120 31.53 15.54 -5.12
C SER A 120 31.97 14.96 -6.46
N ASN A 121 31.27 15.34 -7.54
CA ASN A 121 31.65 14.84 -8.86
C ASN A 121 33.04 15.33 -9.26
N ASN A 122 33.39 16.55 -8.86
CA ASN A 122 34.64 17.15 -9.30
C ASN A 122 35.87 16.46 -8.73
N LEU A 123 35.76 15.77 -7.60
CA LEU A 123 36.89 15.12 -6.96
C LEU A 123 36.76 13.61 -6.91
N ASP A 124 35.58 13.08 -6.59
CA ASP A 124 35.41 11.64 -6.40
C ASP A 124 35.16 10.89 -7.70
N SER A 125 35.18 11.55 -8.85
CA SER A 125 34.98 10.90 -10.13
C SER A 125 36.26 11.00 -10.96
N LYS A 126 36.56 9.92 -11.69
CA LYS A 126 37.74 9.84 -12.53
C LYS A 126 37.33 9.49 -13.95
N VAL A 127 38.27 9.65 -14.88
CA VAL A 127 37.97 9.48 -16.30
C VAL A 127 37.52 8.05 -16.58
N GLY A 128 38.27 7.06 -16.09
CA GLY A 128 37.90 5.68 -16.27
C GLY A 128 36.90 5.14 -15.28
N GLY A 129 36.41 5.97 -14.38
CA GLY A 129 35.49 5.53 -13.35
C GLY A 129 36.21 5.26 -12.05
N ASN A 130 35.67 5.76 -10.95
CA ASN A 130 36.26 5.59 -9.63
C ASN A 130 35.58 4.40 -8.96
N TYR A 131 36.33 3.32 -8.77
CA TYR A 131 35.82 2.10 -8.15
C TYR A 131 36.35 1.90 -6.75
N ASN A 132 36.90 2.97 -6.14
CA ASN A 132 37.39 2.86 -4.77
C ASN A 132 36.25 2.91 -3.76
N TYR A 133 35.12 3.53 -4.12
CA TYR A 133 33.99 3.67 -3.22
C TYR A 133 33.09 2.44 -3.34
N LEU A 134 32.72 1.87 -2.19
CA LEU A 134 31.99 0.62 -2.14
C LEU A 134 30.78 0.76 -1.22
N TYR A 135 29.91 -0.25 -1.28
CA TYR A 135 28.69 -0.29 -0.49
C TYR A 135 28.21 -1.73 -0.41
N ARG A 136 27.51 -2.05 0.67
CA ARG A 136 26.99 -3.40 0.86
C ARG A 136 25.64 -3.55 0.16
N LEU A 137 25.51 -4.62 -0.63
CA LEU A 137 24.26 -4.95 -1.30
C LEU A 137 23.47 -6.03 -0.57
N PHE A 138 24.15 -7.09 -0.11
CA PHE A 138 23.49 -8.23 0.51
C PHE A 138 23.79 -8.27 2.00
N ARG A 139 22.81 -8.71 2.78
CA ARG A 139 22.98 -8.93 4.22
C ARG A 139 21.81 -9.76 4.72
N LYS A 140 22.12 -10.69 5.64
CA LYS A 140 21.08 -11.56 6.18
C LYS A 140 20.09 -10.81 7.07
N SER A 141 20.44 -9.60 7.52
CA SER A 141 19.57 -8.83 8.39
C SER A 141 19.82 -7.35 8.16
N ASN A 142 18.80 -6.55 8.43
CA ASN A 142 18.96 -5.10 8.39
C ASN A 142 19.85 -4.64 9.55
N LEU A 143 20.49 -3.50 9.36
CA LEU A 143 21.37 -2.95 10.38
C LEU A 143 20.56 -2.17 11.41
N LYS A 144 20.96 -2.32 12.68
CA LYS A 144 20.40 -1.50 13.75
C LYS A 144 20.94 -0.07 13.62
N PRO A 145 20.32 0.89 14.30
CA PRO A 145 20.79 2.29 14.21
C PRO A 145 22.25 2.42 14.63
N PHE A 146 23.02 3.15 13.80
CA PHE A 146 24.43 3.42 14.05
C PHE A 146 25.25 2.14 14.19
N GLU A 147 24.96 1.17 13.33
CA GLU A 147 25.69 -0.10 13.30
C GLU A 147 26.62 -0.13 12.10
N ARG A 148 27.82 -0.65 12.31
CA ARG A 148 28.83 -0.73 11.26
C ARG A 148 29.19 -2.19 11.01
N ASP A 149 29.26 -2.56 9.73
CA ASP A 149 29.58 -3.93 9.33
C ASP A 149 30.56 -3.84 8.16
N ILE A 150 31.77 -4.37 8.35
CA ILE A 150 32.80 -4.36 7.34
C ILE A 150 33.21 -5.77 6.92
N SER A 151 32.41 -6.78 7.26
CA SER A 151 32.71 -8.15 6.90
C SER A 151 32.65 -8.33 5.39
N THR A 152 33.30 -9.40 4.92
CA THR A 152 33.25 -9.76 3.51
C THR A 152 33.04 -11.26 3.33
N GLU A 153 32.35 -11.89 4.28
CA GLU A 153 31.96 -13.28 4.10
C GLU A 153 31.00 -13.39 2.92
N ILE A 154 31.14 -14.48 2.16
CA ILE A 154 30.29 -14.67 0.99
C ILE A 154 28.84 -14.76 1.43
N TYR A 155 27.98 -13.98 0.77
CA TYR A 155 26.55 -14.03 1.07
C TYR A 155 25.94 -15.26 0.42
N GLN A 156 25.33 -16.12 1.24
CA GLN A 156 24.65 -17.30 0.74
C GLN A 156 23.18 -16.97 0.50
N ALA A 157 22.76 -17.03 -0.76
CA ALA A 157 21.38 -16.75 -1.13
C ALA A 157 20.60 -18.01 -1.50
N GLY A 158 21.22 -19.18 -1.42
CA GLY A 158 20.55 -20.43 -1.74
C GLY A 158 20.76 -21.47 -0.67
N SER A 159 20.22 -22.66 -0.92
CA SER A 159 20.36 -23.76 0.03
C SER A 159 21.75 -24.38 0.02
N THR A 160 22.52 -24.17 -1.04
CA THR A 160 23.86 -24.74 -1.13
C THR A 160 24.85 -23.80 -0.43
N PRO A 161 25.55 -24.25 0.60
CA PRO A 161 26.58 -23.41 1.21
C PRO A 161 27.71 -23.14 0.23
N CYS A 162 28.39 -22.02 0.44
CA CYS A 162 29.41 -21.55 -0.50
C CYS A 162 30.83 -21.89 -0.07
N ASN A 163 31.07 -22.00 1.23
CA ASN A 163 32.37 -22.43 1.77
C ASN A 163 33.49 -21.51 1.31
N GLY A 164 33.23 -20.20 1.31
CA GLY A 164 34.25 -19.22 0.99
C GLY A 164 34.47 -18.96 -0.48
N VAL A 165 33.75 -19.65 -1.37
CA VAL A 165 33.87 -19.47 -2.81
C VAL A 165 32.52 -19.07 -3.36
N GLU A 166 32.47 -17.95 -4.07
CA GLU A 166 31.22 -17.45 -4.61
C GLU A 166 30.94 -18.04 -5.99
N GLY A 167 29.69 -18.43 -6.21
CA GLY A 167 29.25 -18.99 -7.46
C GLY A 167 27.77 -18.78 -7.67
N PHE A 168 27.04 -19.85 -8.00
CA PHE A 168 25.60 -19.76 -8.18
C PHE A 168 24.92 -19.52 -6.83
N ASN A 169 24.20 -18.40 -6.73
CA ASN A 169 23.53 -18.00 -5.49
C ASN A 169 24.52 -17.85 -4.34
N CYS A 170 25.76 -17.50 -4.67
CA CYS A 170 26.82 -17.26 -3.70
C CYS A 170 27.57 -16.03 -4.18
N TYR A 171 27.51 -14.93 -3.43
CA TYR A 171 28.02 -13.66 -3.91
C TYR A 171 28.94 -13.03 -2.87
N PHE A 172 29.92 -12.29 -3.38
CA PHE A 172 30.69 -11.38 -2.54
C PHE A 172 29.77 -10.24 -2.09
N PRO A 173 29.77 -9.90 -0.80
CA PRO A 173 28.71 -9.00 -0.29
C PRO A 173 28.85 -7.56 -0.77
N LEU A 174 30.07 -7.06 -0.97
CA LEU A 174 30.26 -5.65 -1.28
C LEU A 174 30.30 -5.40 -2.78
N GLN A 175 29.79 -4.24 -3.18
CA GLN A 175 29.66 -3.83 -4.56
C GLN A 175 30.25 -2.44 -4.73
N SER A 176 30.71 -2.13 -5.93
CA SER A 176 31.46 -0.91 -6.20
C SER A 176 30.61 0.10 -6.96
N TYR A 177 30.67 1.36 -6.52
CA TYR A 177 30.07 2.45 -7.28
C TYR A 177 30.94 2.76 -8.50
N GLY A 178 30.32 2.85 -9.66
CA GLY A 178 31.02 3.32 -10.84
C GLY A 178 30.87 4.82 -10.99
N PHE A 179 31.87 5.58 -10.51
CA PHE A 179 31.77 7.03 -10.42
C PHE A 179 32.53 7.66 -11.58
N GLN A 180 31.79 8.24 -12.52
CA GLN A 180 32.34 8.90 -13.70
C GLN A 180 31.79 10.31 -13.78
N PRO A 181 32.58 11.26 -14.31
CA PRO A 181 32.05 12.63 -14.49
C PRO A 181 30.91 12.67 -15.47
N THR A 182 30.76 11.66 -16.33
CA THR A 182 29.71 11.62 -17.34
C THR A 182 28.41 11.04 -16.84
N ASN A 183 28.29 10.68 -15.57
CA ASN A 183 27.05 10.09 -15.09
C ASN A 183 26.05 11.17 -14.71
N GLY A 184 24.77 10.80 -14.74
CA GLY A 184 23.73 11.73 -14.40
C GLY A 184 23.79 12.14 -12.93
N VAL A 185 23.18 13.29 -12.66
CA VAL A 185 23.06 13.83 -11.30
C VAL A 185 22.69 12.78 -10.27
N GLY A 186 21.89 11.77 -10.65
CA GLY A 186 21.46 10.77 -9.68
C GLY A 186 22.53 9.75 -9.36
N TYR A 187 23.46 9.51 -10.29
CA TYR A 187 24.54 8.56 -10.08
C TYR A 187 25.87 9.25 -9.78
N GLN A 188 25.84 10.57 -9.55
CA GLN A 188 27.09 11.23 -9.21
C GLN A 188 27.34 11.12 -7.70
N PRO A 189 28.61 11.05 -7.29
CA PRO A 189 28.91 10.86 -5.87
C PRO A 189 28.63 12.11 -5.06
N TYR A 190 28.04 11.91 -3.88
CA TYR A 190 27.80 12.94 -2.90
C TYR A 190 28.52 12.57 -1.61
N ARG A 191 29.15 13.58 -0.99
CA ARG A 191 29.76 13.43 0.32
C ARG A 191 28.76 13.85 1.38
N VAL A 192 28.60 13.01 2.40
CA VAL A 192 27.59 13.17 3.44
C VAL A 192 28.26 13.20 4.80
N VAL A 193 27.81 14.14 5.63
CA VAL A 193 28.22 14.29 7.02
C VAL A 193 26.96 14.30 7.89
N VAL A 194 26.95 13.45 8.91
CA VAL A 194 25.84 13.34 9.85
C VAL A 194 26.33 13.81 11.21
N LEU A 195 25.65 14.79 11.78
CA LEU A 195 26.01 15.36 13.08
C LEU A 195 25.02 14.86 14.12
N SER A 196 25.51 14.00 15.02
CA SER A 196 24.75 13.51 16.15
C SER A 196 25.02 14.39 17.36
N PHE A 197 23.96 14.77 18.07
CA PHE A 197 24.05 15.55 19.30
C PHE A 197 23.60 14.66 20.44
N GLU A 198 24.53 14.24 21.30
CA GLU A 198 24.19 13.46 22.48
C GLU A 198 23.85 14.41 23.63
N LEU A 199 22.71 14.20 24.25
CA LEU A 199 22.24 15.03 25.36
C LEU A 199 22.06 14.16 26.60
N LEU A 200 23.18 13.67 27.13
CA LEU A 200 23.15 12.78 28.27
C LEU A 200 23.10 13.57 29.57
N HIS A 201 23.06 12.83 30.70
CA HIS A 201 23.05 13.44 32.03
C HIS A 201 24.49 13.48 32.54
N ALA A 202 25.20 14.51 32.11
CA ALA A 202 26.64 14.60 32.30
C ALA A 202 27.07 16.05 32.12
N PRO A 203 28.35 16.40 32.28
CA PRO A 203 28.76 17.79 31.98
C PRO A 203 28.73 18.06 30.49
N ALA A 204 28.30 19.29 30.14
CA ALA A 204 28.31 19.71 28.76
C ALA A 204 29.73 20.02 28.32
N THR A 205 30.21 19.29 27.30
CA THR A 205 31.57 19.47 26.79
C THR A 205 31.63 20.18 25.45
N VAL A 206 30.57 20.08 24.64
CA VAL A 206 30.50 20.76 23.35
C VAL A 206 29.41 21.82 23.44
N CYS A 207 29.77 23.08 23.22
CA CYS A 207 28.83 24.17 23.34
C CYS A 207 29.08 25.20 22.24
N GLY A 208 28.06 26.01 21.98
CA GLY A 208 28.15 27.08 21.03
C GLY A 208 28.84 28.28 21.64
N PRO A 209 29.43 29.13 20.78
CA PRO A 209 30.12 30.32 21.30
C PRO A 209 29.22 31.26 22.08
N LYS A 210 28.01 31.50 21.61
CA LYS A 210 27.07 32.37 22.30
C LYS A 210 26.22 31.57 23.29
N GLN B 1 9.75 -4.81 10.43
CA GLN B 1 8.50 -4.47 9.76
C GLN B 1 7.76 -3.36 10.49
N VAL B 2 7.33 -2.33 9.75
CA VAL B 2 6.40 -1.34 10.25
C VAL B 2 4.99 -1.87 10.02
N GLN B 3 4.14 -1.75 11.03
CA GLN B 3 2.84 -2.41 11.01
C GLN B 3 1.80 -1.49 11.63
N LEU B 4 0.79 -1.12 10.84
CA LEU B 4 -0.34 -0.33 11.30
C LEU B 4 -1.59 -1.20 11.17
N VAL B 5 -2.14 -1.65 12.30
CA VAL B 5 -3.26 -2.58 12.33
C VAL B 5 -4.47 -1.85 12.91
N GLN B 6 -5.56 -1.83 12.15
CA GLN B 6 -6.78 -1.15 12.53
C GLN B 6 -7.80 -2.14 13.09
N SER B 7 -8.81 -1.60 13.77
CA SER B 7 -9.83 -2.41 14.41
C SER B 7 -10.79 -2.98 13.37
N GLY B 8 -11.77 -3.75 13.85
CA GLY B 8 -12.68 -4.42 12.96
C GLY B 8 -13.72 -3.49 12.36
N ALA B 9 -14.36 -3.98 11.30
CA ALA B 9 -15.45 -3.24 10.68
C ALA B 9 -16.63 -3.13 11.64
N GLU B 10 -17.43 -2.09 11.45
CA GLU B 10 -18.38 -1.72 12.49
C GLU B 10 -19.56 -0.97 11.89
N VAL B 11 -20.72 -1.16 12.50
CA VAL B 11 -21.97 -0.54 12.07
C VAL B 11 -22.51 0.29 13.21
N LYS B 12 -23.10 1.45 12.88
CA LYS B 12 -23.77 2.28 13.88
C LYS B 12 -25.02 2.89 13.28
N LYS B 13 -25.94 3.23 14.15
CA LYS B 13 -27.15 3.92 13.76
C LYS B 13 -26.86 5.41 13.58
N PRO B 14 -27.59 6.07 12.68
CA PRO B 14 -27.38 7.51 12.48
C PRO B 14 -27.53 8.29 13.78
N GLY B 15 -26.64 9.27 13.98
CA GLY B 15 -26.62 10.06 15.19
C GLY B 15 -25.74 9.53 16.29
N ALA B 16 -25.08 8.39 16.09
CA ALA B 16 -24.20 7.81 17.08
C ALA B 16 -22.75 8.21 16.79
N SER B 17 -21.79 7.43 17.30
CA SER B 17 -20.38 7.76 17.17
C SER B 17 -19.55 6.48 17.13
N VAL B 18 -18.45 6.53 16.39
CA VAL B 18 -17.52 5.40 16.24
C VAL B 18 -16.12 5.82 16.66
N LYS B 19 -15.46 4.94 17.42
CA LYS B 19 -14.06 5.12 17.79
C LYS B 19 -13.24 4.03 17.09
N VAL B 20 -12.41 4.43 16.15
CA VAL B 20 -11.60 3.50 15.37
C VAL B 20 -10.19 3.45 15.94
N SER B 21 -9.65 2.25 16.05
CA SER B 21 -8.31 2.05 16.61
C SER B 21 -7.26 2.02 15.51
N CYS B 22 -6.03 2.34 15.89
CA CYS B 22 -4.89 2.21 14.99
C CYS B 22 -3.68 1.83 15.84
N LYS B 23 -3.16 0.62 15.66
CA LYS B 23 -2.05 0.12 16.47
C LYS B 23 -0.78 0.15 15.64
N ALA B 24 0.24 0.83 16.16
CA ALA B 24 1.54 0.93 15.52
C ALA B 24 2.51 -0.05 16.14
N SER B 25 3.39 -0.61 15.31
CA SER B 25 4.41 -1.53 15.80
C SER B 25 5.56 -1.57 14.80
N GLY B 26 6.77 -1.75 15.31
CA GLY B 26 7.96 -1.84 14.49
C GLY B 26 8.80 -0.58 14.42
N TYR B 27 8.55 0.40 15.27
CA TYR B 27 9.28 1.66 15.29
C TYR B 27 8.91 2.41 16.56
N THR B 28 9.71 3.41 16.91
CA THR B 28 9.45 4.19 18.12
C THR B 28 8.25 5.09 17.88
N PHE B 29 7.10 4.68 18.40
CA PHE B 29 5.78 5.29 18.19
C PHE B 29 5.75 6.80 18.32
N THR B 30 6.47 7.35 19.30
CA THR B 30 6.30 8.77 19.64
C THR B 30 7.00 9.70 18.66
N SER B 31 8.04 9.23 17.98
CA SER B 31 8.82 10.11 17.12
C SER B 31 8.10 10.52 15.83
N TYR B 32 6.87 10.06 15.60
CA TYR B 32 6.19 10.30 14.35
C TYR B 32 4.81 10.89 14.58
N TYR B 33 4.21 11.36 13.50
CA TYR B 33 2.83 11.82 13.46
C TYR B 33 1.95 10.75 12.83
N MET B 34 0.64 10.86 13.08
CA MET B 34 -0.33 10.00 12.45
C MET B 34 -1.43 10.85 11.82
N HIS B 35 -1.89 10.43 10.65
CA HIS B 35 -2.95 11.11 9.92
C HIS B 35 -4.11 10.14 9.73
N TRP B 36 -5.30 10.70 9.60
CA TRP B 36 -6.51 9.92 9.36
C TRP B 36 -7.13 10.37 8.04
N VAL B 37 -7.36 9.41 7.15
CA VAL B 37 -7.90 9.66 5.82
C VAL B 37 -9.12 8.77 5.62
N ARG B 38 -10.10 9.30 4.91
CA ARG B 38 -11.41 8.69 4.76
C ARG B 38 -11.72 8.48 3.28
N GLN B 39 -12.36 7.35 2.96
CA GLN B 39 -12.72 7.02 1.58
C GLN B 39 -14.09 6.38 1.55
N ALA B 40 -15.07 7.08 0.99
CA ALA B 40 -16.41 6.54 0.82
C ALA B 40 -16.45 5.56 -0.35
N PRO B 41 -17.36 4.57 -0.30
CA PRO B 41 -17.42 3.56 -1.38
C PRO B 41 -17.60 4.17 -2.76
N GLY B 42 -16.59 4.01 -3.61
CA GLY B 42 -16.62 4.52 -4.96
C GLY B 42 -16.18 5.96 -5.12
N GLN B 43 -15.65 6.58 -4.07
CA GLN B 43 -15.17 7.96 -4.13
C GLN B 43 -13.67 8.00 -3.86
N GLY B 44 -13.11 9.20 -3.95
CA GLY B 44 -11.70 9.41 -3.69
C GLY B 44 -11.40 9.54 -2.20
N LEU B 45 -10.20 10.00 -1.92
CA LEU B 45 -9.68 10.08 -0.56
C LEU B 45 -9.91 11.47 0.04
N GLU B 46 -10.06 11.51 1.36
CA GLU B 46 -10.30 12.76 2.07
C GLU B 46 -9.51 12.76 3.37
N TRP B 47 -8.61 13.72 3.51
CA TRP B 47 -7.83 13.86 4.74
C TRP B 47 -8.70 14.45 5.85
N MET B 48 -8.52 13.94 7.06
CA MET B 48 -9.31 14.36 8.21
C MET B 48 -8.51 15.19 9.21
N GLY B 49 -7.38 14.70 9.69
CA GLY B 49 -6.63 15.43 10.69
C GLY B 49 -5.34 14.72 11.02
N ILE B 50 -4.56 15.37 11.91
CA ILE B 50 -3.22 14.93 12.27
C ILE B 50 -3.11 14.89 13.79
N ILE B 51 -2.41 13.89 14.30
CA ILE B 51 -2.19 13.72 15.73
C ILE B 51 -0.69 13.60 15.99
N ASN B 52 -0.22 14.27 17.03
CA ASN B 52 1.15 14.14 17.50
C ASN B 52 1.19 13.04 18.54
N SER B 53 1.84 11.92 18.22
CA SER B 53 1.82 10.76 19.10
C SER B 53 2.78 10.86 20.28
N SER B 54 3.45 12.00 20.46
CA SER B 54 4.20 12.25 21.70
C SER B 54 3.48 13.26 22.57
N GLY B 55 3.32 14.49 22.07
CA GLY B 55 2.67 15.54 22.84
C GLY B 55 1.16 15.37 22.94
N GLY B 56 0.52 14.96 21.85
CA GLY B 56 -0.92 14.89 21.79
C GLY B 56 -1.58 16.04 21.09
N SER B 57 -0.82 16.91 20.43
CA SER B 57 -1.40 17.99 19.65
C SER B 57 -2.31 17.43 18.56
N THR B 58 -3.38 18.17 18.29
CA THR B 58 -4.40 17.75 17.34
C THR B 58 -4.76 18.90 16.42
N SER B 59 -4.92 18.60 15.13
CA SER B 59 -5.39 19.59 14.16
C SER B 59 -6.26 18.88 13.14
N TYR B 60 -7.43 19.47 12.87
CA TYR B 60 -8.46 18.85 12.05
C TYR B 60 -8.72 19.68 10.79
N ALA B 61 -9.43 19.05 9.86
CA ALA B 61 -10.04 19.78 8.76
C ALA B 61 -11.32 20.45 9.25
N GLN B 62 -11.71 21.53 8.55
CA GLN B 62 -12.88 22.28 8.97
C GLN B 62 -14.16 21.45 8.90
N LYS B 63 -14.24 20.54 7.92
CA LYS B 63 -15.45 19.74 7.74
C LYS B 63 -15.75 18.91 8.98
N PHE B 64 -14.71 18.33 9.58
CA PHE B 64 -14.88 17.45 10.74
C PHE B 64 -14.72 18.18 12.06
N GLN B 65 -14.22 19.42 12.03
CA GLN B 65 -13.95 20.19 13.25
C GLN B 65 -15.17 20.21 14.17
N GLY B 66 -14.94 19.86 15.44
CA GLY B 66 -15.99 19.86 16.43
C GLY B 66 -16.54 18.48 16.73
N ARG B 67 -16.76 17.68 15.69
CA ARG B 67 -17.36 16.36 15.84
C ARG B 67 -16.33 15.23 15.77
N VAL B 68 -15.06 15.54 15.51
CA VAL B 68 -13.99 14.56 15.45
C VAL B 68 -13.10 14.71 16.68
N THR B 69 -12.54 13.59 17.13
CA THR B 69 -11.64 13.58 18.28
C THR B 69 -10.54 12.55 18.04
N MET B 70 -9.29 12.98 18.17
CA MET B 70 -8.14 12.11 17.94
C MET B 70 -7.39 11.91 19.26
N THR B 71 -7.24 10.64 19.65
CA THR B 71 -6.64 10.24 20.92
C THR B 71 -5.33 9.51 20.65
N ARG B 72 -4.49 9.46 21.69
CA ARG B 72 -3.22 8.74 21.65
C ARG B 72 -3.07 7.95 22.94
N ASP B 73 -2.41 6.80 22.84
CA ASP B 73 -2.09 5.98 24.00
C ASP B 73 -0.69 5.41 23.79
N THR B 74 0.30 6.02 24.43
CA THR B 74 1.70 5.62 24.23
C THR B 74 2.00 4.29 24.89
N SER B 75 1.31 3.95 25.98
CA SER B 75 1.55 2.70 26.66
C SER B 75 1.38 1.50 25.73
N THR B 76 0.28 1.48 24.98
CA THR B 76 0.03 0.45 23.99
C THR B 76 0.42 0.87 22.58
N SER B 77 0.93 2.09 22.41
CA SER B 77 1.39 2.60 21.11
C SER B 77 0.27 2.59 20.07
N THR B 78 -0.92 3.06 20.46
CA THR B 78 -2.04 3.03 19.55
C THR B 78 -2.75 4.38 19.53
N VAL B 79 -3.13 4.79 18.32
CA VAL B 79 -3.87 6.02 18.09
C VAL B 79 -5.35 5.69 18.00
N TYR B 80 -6.20 6.68 18.29
CA TYR B 80 -7.64 6.52 18.19
C TYR B 80 -8.23 7.72 17.45
N MET B 81 -9.37 7.50 16.80
CA MET B 81 -10.09 8.55 16.10
C MET B 81 -11.58 8.29 16.23
N GLU B 82 -12.30 9.25 16.81
CA GLU B 82 -13.74 9.12 17.04
C GLU B 82 -14.49 10.18 16.25
N LEU B 83 -15.56 9.75 15.58
CA LEU B 83 -16.47 10.64 14.85
C LEU B 83 -17.84 10.56 15.50
N SER B 84 -18.45 11.71 15.75
CA SER B 84 -19.72 11.76 16.46
C SER B 84 -20.80 12.39 15.59
N SER B 85 -22.05 12.23 16.02
CA SER B 85 -23.23 12.60 15.25
C SER B 85 -23.12 12.04 13.84
N LEU B 86 -22.90 10.73 13.78
CA LEU B 86 -22.76 10.02 12.53
C LEU B 86 -24.01 10.15 11.68
N ARG B 87 -23.84 10.05 10.36
CA ARG B 87 -24.97 9.97 9.43
C ARG B 87 -24.47 9.31 8.15
N SER B 88 -25.40 9.12 7.21
CA SER B 88 -25.19 8.21 6.08
C SER B 88 -24.02 8.63 5.20
N GLU B 89 -23.71 9.92 5.13
CA GLU B 89 -22.58 10.33 4.30
C GLU B 89 -21.24 10.08 4.97
N ASP B 90 -21.23 9.54 6.19
CA ASP B 90 -20.02 9.15 6.88
C ASP B 90 -19.69 7.66 6.68
N THR B 91 -20.38 6.98 5.77
CA THR B 91 -20.11 5.58 5.46
C THR B 91 -18.83 5.51 4.64
N ALA B 92 -17.77 4.92 5.20
CA ALA B 92 -16.48 4.96 4.52
C ALA B 92 -15.49 4.02 5.20
N VAL B 93 -14.37 3.81 4.51
CA VAL B 93 -13.20 3.15 5.07
C VAL B 93 -12.28 4.21 5.64
N TYR B 94 -11.85 4.02 6.88
CA TYR B 94 -10.94 4.95 7.55
C TYR B 94 -9.55 4.32 7.63
N TYR B 95 -8.55 5.06 7.15
CA TYR B 95 -7.16 4.64 7.22
C TYR B 95 -6.40 5.53 8.19
N CYS B 96 -5.50 4.94 8.95
CA CYS B 96 -4.48 5.69 9.67
C CYS B 96 -3.16 5.54 8.91
N ALA B 97 -2.50 6.66 8.65
CA ALA B 97 -1.32 6.68 7.81
C ALA B 97 -0.18 7.38 8.51
N ARG B 98 1.02 6.80 8.39
CA ARG B 98 2.22 7.42 8.92
C ARG B 98 3.03 8.02 7.78
N PRO B 99 3.32 9.31 7.83
CA PRO B 99 4.35 9.92 7.00
C PRO B 99 5.66 9.97 7.74
N PRO B 100 6.77 10.30 7.06
CA PRO B 100 8.05 10.39 7.77
C PRO B 100 8.15 11.63 8.64
N ARG B 101 9.34 11.91 9.15
CA ARG B 101 9.54 12.94 10.15
C ARG B 101 9.75 14.31 9.52
N ASN B 102 9.23 15.32 10.20
CA ASN B 102 9.50 16.70 9.81
C ASN B 102 10.91 17.09 10.23
N TYR B 103 11.52 18.00 9.47
CA TYR B 103 12.87 18.42 9.75
C TYR B 103 12.93 19.94 9.81
N TYR B 104 14.11 20.44 10.22
CA TYR B 104 14.43 21.86 10.21
C TYR B 104 15.35 22.18 9.04
N ASP B 105 15.16 23.36 8.47
CA ASP B 105 15.87 23.79 7.29
C ASP B 105 17.22 24.41 7.68
N ARG B 106 18.06 24.60 6.67
CA ARG B 106 19.31 25.32 6.87
C ARG B 106 19.06 26.76 7.29
N SER B 107 17.92 27.33 6.88
CA SER B 107 17.53 28.66 7.33
C SER B 107 17.01 28.68 8.76
N GLY B 108 16.65 27.52 9.30
CA GLY B 108 15.86 27.42 10.51
C GLY B 108 14.36 27.30 10.28
N TYR B 109 13.91 26.97 9.07
CA TYR B 109 12.50 26.82 8.77
C TYR B 109 12.04 25.40 9.11
N TYR B 110 10.83 25.31 9.67
CA TYR B 110 10.19 24.03 9.87
C TYR B 110 9.54 23.61 8.55
N GLN B 111 9.95 22.45 8.02
CA GLN B 111 9.34 21.91 6.82
C GLN B 111 8.72 20.56 7.13
N ARG B 112 7.54 20.32 6.57
CA ARG B 112 6.88 19.04 6.70
C ARG B 112 7.27 18.14 5.52
N ALA B 113 7.05 16.84 5.70
CA ALA B 113 7.23 15.86 4.64
C ALA B 113 6.05 14.87 4.71
N GLU B 114 4.84 15.40 4.52
CA GLU B 114 3.62 14.64 4.71
C GLU B 114 3.28 13.87 3.44
N TYR B 115 3.96 12.73 3.26
CA TYR B 115 3.58 11.77 2.23
C TYR B 115 3.56 10.39 2.88
N PHE B 116 2.41 9.73 2.80
CA PHE B 116 2.10 8.60 3.68
C PHE B 116 2.80 7.35 3.18
N GLN B 117 3.93 7.02 3.82
CA GLN B 117 4.67 5.83 3.47
C GLN B 117 4.04 4.58 4.05
N HIS B 118 3.34 4.68 5.19
CA HIS B 118 2.76 3.48 5.78
C HIS B 118 1.27 3.69 6.01
N TRP B 119 0.49 2.66 5.72
CA TRP B 119 -0.96 2.71 5.82
C TRP B 119 -1.47 1.56 6.67
N GLY B 120 -2.67 1.75 7.21
CA GLY B 120 -3.38 0.67 7.87
C GLY B 120 -4.21 -0.13 6.89
N GLN B 121 -4.81 -1.20 7.40
CA GLN B 121 -5.65 -2.06 6.56
C GLN B 121 -6.96 -1.40 6.18
N GLY B 122 -7.42 -0.42 6.96
CA GLY B 122 -8.69 0.22 6.69
C GLY B 122 -9.82 -0.34 7.55
N THR B 123 -10.62 0.55 8.14
CA THR B 123 -11.76 0.17 8.94
C THR B 123 -13.03 0.64 8.24
N LEU B 124 -13.88 -0.31 7.85
CA LEU B 124 -15.15 0.02 7.23
C LEU B 124 -16.19 0.34 8.30
N VAL B 125 -16.80 1.51 8.20
CA VAL B 125 -17.88 1.91 9.09
C VAL B 125 -19.11 2.19 8.24
N THR B 126 -20.20 1.49 8.54
CA THR B 126 -21.46 1.64 7.83
C THR B 126 -22.47 2.27 8.78
N VAL B 127 -23.14 3.31 8.31
CA VAL B 127 -24.07 4.09 9.12
C VAL B 127 -25.47 3.88 8.56
N SER B 128 -26.28 3.08 9.26
CA SER B 128 -27.67 2.87 8.89
C SER B 128 -28.39 2.19 10.05
N SER B 129 -29.70 2.32 10.06
CA SER B 129 -30.52 1.79 11.14
C SER B 129 -30.83 0.30 11.00
N ALA B 130 -30.48 -0.31 9.87
CA ALA B 130 -30.69 -1.73 9.69
C ALA B 130 -29.91 -2.52 10.73
N SER B 131 -30.46 -3.66 11.14
CA SER B 131 -29.88 -4.46 12.22
C SER B 131 -28.92 -5.49 11.65
N THR B 132 -27.85 -5.75 12.40
CA THR B 132 -26.83 -6.71 12.01
C THR B 132 -27.45 -8.08 11.71
N LYS B 133 -26.99 -8.71 10.63
CA LYS B 133 -27.39 -10.07 10.32
C LYS B 133 -26.18 -10.85 9.82
N GLY B 134 -25.97 -12.03 10.41
CA GLY B 134 -24.92 -12.91 9.97
C GLY B 134 -25.30 -13.67 8.72
N PRO B 135 -24.31 -14.08 7.95
CA PRO B 135 -24.58 -14.76 6.67
C PRO B 135 -24.90 -16.23 6.87
N SER B 136 -25.38 -16.83 5.79
CA SER B 136 -25.51 -18.28 5.67
C SER B 136 -24.71 -18.72 4.46
N VAL B 137 -23.85 -19.71 4.65
CA VAL B 137 -22.90 -20.13 3.63
C VAL B 137 -23.35 -21.47 3.06
N PHE B 138 -23.52 -21.52 1.75
CA PHE B 138 -23.93 -22.71 1.03
C PHE B 138 -22.86 -23.10 0.01
N PRO B 139 -22.73 -24.39 -0.30
CA PRO B 139 -21.72 -24.80 -1.28
C PRO B 139 -22.23 -24.79 -2.71
N LEU B 140 -21.35 -24.39 -3.61
CA LEU B 140 -21.56 -24.49 -5.06
C LEU B 140 -20.66 -25.61 -5.54
N ALA B 141 -21.19 -26.83 -5.57
CA ALA B 141 -20.41 -28.03 -5.86
C ALA B 141 -20.02 -28.10 -7.34
N PRO B 142 -18.89 -28.71 -7.65
CA PRO B 142 -18.41 -28.74 -9.04
C PRO B 142 -19.15 -29.77 -9.88
N SER B 143 -18.90 -29.70 -11.18
CA SER B 143 -19.46 -30.64 -12.14
C SER B 143 -18.62 -31.91 -12.22
N GLY B 150 -10.85 -32.08 -17.77
CA GLY B 150 -10.69 -30.66 -17.95
C GLY B 150 -10.37 -29.93 -16.67
N THR B 151 -11.04 -28.81 -16.43
CA THR B 151 -10.91 -28.05 -15.20
C THR B 151 -12.29 -27.84 -14.59
N ALA B 152 -12.37 -27.97 -13.27
CA ALA B 152 -13.62 -27.93 -12.55
C ALA B 152 -13.71 -26.67 -11.70
N ALA B 153 -14.91 -26.10 -11.61
CA ALA B 153 -15.17 -24.90 -10.84
C ALA B 153 -16.03 -25.25 -9.63
N LEU B 154 -15.66 -24.70 -8.47
CA LEU B 154 -16.39 -24.88 -7.23
C LEU B 154 -16.36 -23.57 -6.46
N GLY B 155 -17.19 -23.47 -5.43
CA GLY B 155 -17.20 -22.25 -4.65
C GLY B 155 -18.20 -22.30 -3.51
N CYS B 156 -18.44 -21.11 -2.95
CA CYS B 156 -19.33 -20.92 -1.81
C CYS B 156 -20.21 -19.70 -2.05
N LEU B 157 -21.45 -19.78 -1.61
CA LEU B 157 -22.40 -18.68 -1.69
C LEU B 157 -22.66 -18.15 -0.29
N VAL B 158 -22.30 -16.89 -0.05
CA VAL B 158 -22.47 -16.24 1.24
C VAL B 158 -23.69 -15.33 1.13
N LYS B 159 -24.81 -15.73 1.70
CA LYS B 159 -26.10 -15.14 1.40
C LYS B 159 -26.70 -14.42 2.61
N ASP B 160 -27.56 -13.44 2.30
CA ASP B 160 -28.23 -12.51 3.21
C ASP B 160 -27.45 -12.21 4.49
N TYR B 161 -26.82 -11.04 4.52
CA TYR B 161 -25.95 -10.64 5.61
C TYR B 161 -25.81 -9.12 5.57
N PHE B 162 -25.54 -8.54 6.75
CA PHE B 162 -25.42 -7.09 6.86
C PHE B 162 -24.70 -6.75 8.16
N PRO B 163 -23.76 -5.79 8.14
CA PRO B 163 -23.34 -5.08 6.93
C PRO B 163 -22.12 -5.72 6.27
N GLU B 164 -21.54 -5.04 5.30
CA GLU B 164 -20.25 -5.44 4.78
C GLU B 164 -19.17 -5.20 5.84
N PRO B 165 -18.03 -5.91 5.74
CA PRO B 165 -17.70 -6.92 4.76
C PRO B 165 -17.66 -8.34 5.30
N VAL B 166 -17.54 -9.30 4.40
CA VAL B 166 -17.18 -10.67 4.74
C VAL B 166 -15.81 -10.95 4.16
N THR B 167 -15.05 -11.79 4.86
CA THR B 167 -13.74 -12.23 4.39
C THR B 167 -13.81 -13.71 4.08
N VAL B 168 -13.40 -14.08 2.87
CA VAL B 168 -13.48 -15.46 2.40
C VAL B 168 -12.07 -15.90 1.99
N SER B 169 -11.59 -16.97 2.60
CA SER B 169 -10.35 -17.62 2.20
C SER B 169 -10.64 -19.07 1.83
N TRP B 170 -9.63 -19.75 1.28
CA TRP B 170 -9.77 -21.13 0.85
C TRP B 170 -8.66 -21.96 1.44
N ASN B 171 -9.02 -23.07 2.10
CA ASN B 171 -8.08 -23.90 2.83
C ASN B 171 -7.27 -23.08 3.83
N SER B 172 -7.91 -22.06 4.40
CA SER B 172 -7.29 -21.11 5.33
C SER B 172 -6.05 -20.48 4.70
N GLY B 173 -6.27 -19.82 3.56
CA GLY B 173 -5.22 -19.11 2.87
C GLY B 173 -4.25 -19.97 2.08
N ALA B 174 -4.40 -21.30 2.12
CA ALA B 174 -3.46 -22.17 1.41
C ALA B 174 -3.73 -22.15 -0.09
N LEU B 175 -4.99 -22.07 -0.50
CA LEU B 175 -5.37 -22.03 -1.91
C LEU B 175 -5.62 -20.59 -2.30
N THR B 176 -4.92 -20.13 -3.34
CA THR B 176 -5.00 -18.72 -3.73
C THR B 176 -5.19 -18.51 -5.22
N SER B 177 -4.50 -19.27 -6.07
CA SER B 177 -4.54 -19.03 -7.50
C SER B 177 -5.80 -19.63 -8.12
N GLY B 178 -6.43 -18.87 -9.01
CA GLY B 178 -7.71 -19.23 -9.57
C GLY B 178 -8.90 -18.77 -8.76
N VAL B 179 -8.67 -18.16 -7.60
CA VAL B 179 -9.76 -17.75 -6.71
C VAL B 179 -10.31 -16.41 -7.17
N HIS B 180 -11.63 -16.35 -7.35
CA HIS B 180 -12.35 -15.12 -7.65
C HIS B 180 -13.40 -14.90 -6.57
N THR B 181 -13.20 -13.88 -5.75
CA THR B 181 -14.22 -13.44 -4.80
C THR B 181 -14.89 -12.21 -5.38
N PHE B 182 -16.21 -12.30 -5.56
CA PHE B 182 -16.98 -11.29 -6.29
C PHE B 182 -17.43 -10.17 -5.36
N PRO B 183 -17.61 -8.97 -5.90
CA PRO B 183 -18.15 -7.88 -5.10
C PRO B 183 -19.57 -8.18 -4.64
N ALA B 184 -19.85 -7.89 -3.38
CA ALA B 184 -21.16 -8.14 -2.82
C ALA B 184 -22.21 -7.26 -3.46
N VAL B 185 -23.45 -7.75 -3.50
CA VAL B 185 -24.55 -7.07 -4.15
C VAL B 185 -25.69 -6.92 -3.15
N LEU B 186 -26.27 -5.72 -3.09
CA LEU B 186 -27.49 -5.52 -2.32
C LEU B 186 -28.67 -6.13 -3.06
N GLN B 187 -29.42 -6.97 -2.36
CA GLN B 187 -30.66 -7.51 -2.92
C GLN B 187 -31.83 -6.63 -2.50
N SER B 188 -33.03 -6.94 -3.02
CA SER B 188 -34.23 -6.23 -2.61
C SER B 188 -34.41 -6.28 -1.11
N SER B 189 -33.93 -7.34 -0.48
CA SER B 189 -34.00 -7.52 0.96
C SER B 189 -33.42 -6.35 1.74
N GLY B 190 -32.46 -5.61 1.18
CA GLY B 190 -31.61 -4.77 1.97
C GLY B 190 -30.42 -5.49 2.56
N LEU B 191 -30.29 -6.78 2.32
CA LEU B 191 -29.16 -7.58 2.76
C LEU B 191 -28.23 -7.87 1.58
N TYR B 192 -26.97 -8.13 1.90
CA TYR B 192 -25.95 -8.38 0.90
C TYR B 192 -25.81 -9.88 0.63
N SER B 193 -25.25 -10.20 -0.52
CA SER B 193 -24.87 -11.57 -0.85
C SER B 193 -23.65 -11.54 -1.74
N LEU B 194 -22.94 -12.67 -1.78
CA LEU B 194 -21.62 -12.73 -2.38
C LEU B 194 -21.35 -14.18 -2.76
N SER B 195 -20.42 -14.37 -3.70
CA SER B 195 -20.00 -15.70 -4.11
C SER B 195 -18.49 -15.72 -4.30
N SER B 196 -17.86 -16.78 -3.79
CA SER B 196 -16.41 -16.96 -3.86
C SER B 196 -16.15 -18.28 -4.57
N VAL B 197 -15.51 -18.22 -5.74
CA VAL B 197 -15.31 -19.39 -6.59
C VAL B 197 -13.82 -19.62 -6.79
N VAL B 198 -13.49 -20.81 -7.27
CA VAL B 198 -12.12 -21.19 -7.59
C VAL B 198 -12.17 -22.31 -8.61
N THR B 199 -11.26 -22.27 -9.57
CA THR B 199 -11.13 -23.30 -10.59
C THR B 199 -9.90 -24.13 -10.30
N VAL B 200 -10.07 -25.45 -10.26
CA VAL B 200 -8.99 -26.38 -9.93
C VAL B 200 -8.95 -27.47 -11.00
N PRO B 201 -7.89 -28.27 -11.09
CA PRO B 201 -7.92 -29.41 -12.00
C PRO B 201 -8.97 -30.42 -11.58
N SER B 202 -9.66 -31.00 -12.57
CA SER B 202 -10.63 -32.04 -12.29
C SER B 202 -10.00 -33.19 -11.52
N SER B 203 -8.76 -33.55 -11.89
CA SER B 203 -8.05 -34.64 -11.21
C SER B 203 -8.01 -34.43 -9.70
N SER B 204 -7.88 -33.17 -9.27
CA SER B 204 -7.73 -32.88 -7.85
C SER B 204 -9.03 -33.00 -7.07
N LEU B 205 -10.18 -33.07 -7.75
CA LEU B 205 -11.46 -33.06 -7.03
C LEU B 205 -11.56 -34.21 -6.04
N GLY B 206 -10.99 -35.35 -6.38
CA GLY B 206 -10.97 -36.48 -5.46
C GLY B 206 -9.71 -36.51 -4.61
N THR B 207 -8.65 -35.85 -5.09
CA THR B 207 -7.36 -35.90 -4.41
C THR B 207 -7.24 -34.85 -3.30
N GLN B 208 -7.82 -33.67 -3.50
CA GLN B 208 -7.74 -32.59 -2.54
C GLN B 208 -9.13 -32.29 -1.97
N THR B 209 -9.15 -31.68 -0.79
CA THR B 209 -10.38 -31.28 -0.12
C THR B 209 -10.44 -29.77 -0.06
N TYR B 210 -11.63 -29.21 -0.28
CA TYR B 210 -11.82 -27.77 -0.42
C TYR B 210 -12.80 -27.26 0.64
N ILE B 211 -12.33 -26.29 1.42
CA ILE B 211 -13.11 -25.69 2.50
C ILE B 211 -13.01 -24.17 2.34
N CYS B 212 -14.16 -23.50 2.36
CA CYS B 212 -14.18 -22.05 2.32
C CYS B 212 -14.34 -21.50 3.73
N ASN B 213 -13.45 -20.61 4.11
CA ASN B 213 -13.41 -20.00 5.44
C ASN B 213 -14.03 -18.61 5.32
N VAL B 214 -15.28 -18.50 5.75
CA VAL B 214 -16.05 -17.26 5.72
C VAL B 214 -16.02 -16.65 7.11
N ASN B 215 -15.85 -15.33 7.18
CA ASN B 215 -15.77 -14.62 8.46
C ASN B 215 -16.46 -13.28 8.32
N HIS B 216 -17.45 -13.03 9.18
CA HIS B 216 -18.22 -11.78 9.20
C HIS B 216 -18.38 -11.37 10.66
N LYS B 217 -17.43 -10.56 11.15
CA LYS B 217 -17.30 -10.18 12.56
C LYS B 217 -18.20 -9.04 13.04
N PRO B 218 -18.82 -8.25 12.15
CA PRO B 218 -19.92 -7.39 12.64
C PRO B 218 -21.04 -8.20 13.27
N SER B 219 -21.25 -9.44 12.82
CA SER B 219 -22.19 -10.37 13.43
C SER B 219 -21.52 -11.40 14.32
N ASN B 220 -20.18 -11.40 14.38
CA ASN B 220 -19.41 -12.41 15.10
C ASN B 220 -19.75 -13.81 14.56
N THR B 221 -19.56 -13.96 13.25
CA THR B 221 -19.87 -15.19 12.54
C THR B 221 -18.62 -15.74 11.87
N LYS B 222 -18.41 -17.04 11.97
CA LYS B 222 -17.32 -17.69 11.26
C LYS B 222 -17.74 -19.10 10.86
N VAL B 223 -17.58 -19.42 9.58
CA VAL B 223 -18.01 -20.69 9.01
C VAL B 223 -16.86 -21.29 8.22
N ASP B 224 -16.69 -22.60 8.35
CA ASP B 224 -15.72 -23.36 7.56
C ASP B 224 -16.51 -24.39 6.77
N LYS B 225 -16.92 -24.03 5.56
CA LYS B 225 -17.86 -24.84 4.80
C LYS B 225 -17.13 -25.82 3.89
N ARG B 226 -17.54 -27.08 3.94
CA ARG B 226 -16.99 -28.16 3.13
C ARG B 226 -17.69 -28.18 1.78
N VAL B 227 -16.93 -28.06 0.69
CA VAL B 227 -17.49 -28.16 -0.65
C VAL B 227 -17.22 -29.57 -1.15
N GLU B 228 -18.25 -30.42 -1.12
CA GLU B 228 -18.19 -31.81 -1.54
C GLU B 228 -18.61 -31.95 -2.99
N PRO B 229 -17.85 -32.67 -3.81
CA PRO B 229 -18.26 -32.85 -5.20
C PRO B 229 -19.59 -33.60 -5.30
N LYS B 230 -20.44 -33.14 -6.20
CA LYS B 230 -21.78 -33.72 -6.35
C LYS B 230 -21.70 -34.95 -7.24
N SER B 231 -22.15 -36.09 -6.72
CA SER B 231 -22.16 -37.34 -7.46
C SER B 231 -23.60 -37.77 -7.71
N CYS B 232 -23.87 -38.19 -8.95
CA CYS B 232 -25.24 -38.50 -9.35
C CYS B 232 -25.61 -39.96 -9.13
N HIS B 233 -24.64 -40.85 -8.92
CA HIS B 233 -24.90 -42.28 -8.80
C HIS B 233 -24.48 -42.81 -7.43
N HIS B 234 -24.74 -42.03 -6.39
CA HIS B 234 -24.32 -42.38 -5.03
C HIS B 234 -25.54 -42.33 -4.12
N HIS B 235 -26.13 -43.51 -3.89
CA HIS B 235 -27.40 -43.62 -3.19
C HIS B 235 -27.32 -44.72 -2.12
N HIS B 236 -28.19 -44.61 -1.13
CA HIS B 236 -28.38 -45.65 -0.14
C HIS B 236 -29.69 -45.43 0.63
N ASP C 1 -9.02 26.05 0.25
CA ASP C 1 -8.69 24.66 -0.02
C ASP C 1 -8.16 24.48 -1.43
N ILE C 2 -6.94 23.94 -1.55
CA ILE C 2 -6.36 23.69 -2.86
C ILE C 2 -7.06 22.49 -3.50
N GLN C 3 -7.42 22.63 -4.77
CA GLN C 3 -8.17 21.61 -5.49
C GLN C 3 -7.33 21.13 -6.67
N LEU C 4 -7.10 19.82 -6.73
CA LEU C 4 -6.26 19.21 -7.74
C LEU C 4 -7.12 18.47 -8.74
N THR C 5 -7.02 18.86 -10.01
CA THR C 5 -7.78 18.24 -11.08
C THR C 5 -6.90 17.24 -11.81
N GLN C 6 -7.42 16.02 -11.98
CA GLN C 6 -6.65 14.88 -12.48
C GLN C 6 -7.23 14.44 -13.81
N SER C 7 -6.36 14.20 -14.79
CA SER C 7 -6.85 13.84 -16.11
C SER C 7 -5.91 12.92 -16.87
N PRO C 8 -6.43 11.92 -17.61
CA PRO C 8 -7.88 11.69 -17.75
C PRO C 8 -8.51 11.05 -16.53
N SER C 9 -9.84 11.09 -16.43
CA SER C 9 -10.52 10.43 -15.32
C SER C 9 -10.53 8.92 -15.51
N SER C 10 -10.49 8.45 -16.75
CA SER C 10 -10.39 7.04 -17.07
C SER C 10 -9.46 6.88 -18.27
N LEU C 11 -8.87 5.69 -18.39
CA LEU C 11 -7.94 5.44 -19.49
C LEU C 11 -7.69 3.95 -19.61
N SER C 12 -7.58 3.47 -20.85
CA SER C 12 -7.22 2.09 -21.15
C SER C 12 -6.03 2.08 -22.09
N ALA C 13 -5.03 1.28 -21.75
CA ALA C 13 -3.83 1.13 -22.57
C ALA C 13 -3.45 -0.33 -22.65
N SER C 14 -2.48 -0.64 -23.51
CA SER C 14 -2.03 -2.00 -23.73
C SER C 14 -0.72 -2.25 -23.00
N VAL C 15 -0.40 -3.53 -22.81
CA VAL C 15 0.83 -3.92 -22.14
C VAL C 15 2.03 -3.44 -22.94
N GLY C 16 2.92 -2.71 -22.28
CA GLY C 16 4.12 -2.19 -22.90
C GLY C 16 4.04 -0.74 -23.32
N ASP C 17 2.87 -0.12 -23.23
CA ASP C 17 2.70 1.26 -23.64
C ASP C 17 3.22 2.21 -22.57
N ARG C 18 3.41 3.47 -22.96
CA ARG C 18 3.68 4.54 -22.01
C ARG C 18 2.35 5.16 -21.58
N VAL C 19 2.23 5.44 -20.28
CA VAL C 19 1.02 6.06 -19.73
C VAL C 19 1.42 7.40 -19.13
N THR C 20 0.60 8.42 -19.37
CA THR C 20 0.87 9.77 -18.88
C THR C 20 -0.40 10.35 -18.28
N ILE C 21 -0.39 10.58 -16.97
CA ILE C 21 -1.50 11.17 -16.23
C ILE C 21 -1.07 12.56 -15.78
N THR C 22 -2.01 13.49 -15.71
CA THR C 22 -1.70 14.85 -15.31
C THR C 22 -2.50 15.24 -14.08
N CYS C 23 -1.90 16.10 -13.26
CA CYS C 23 -2.55 16.65 -12.08
C CYS C 23 -2.22 18.14 -12.01
N GLN C 24 -3.24 18.98 -12.12
CA GLN C 24 -3.08 20.43 -12.13
C GLN C 24 -3.67 21.01 -10.85
N ALA C 25 -2.92 21.89 -10.21
CA ALA C 25 -3.29 22.44 -8.91
C ALA C 25 -3.99 23.79 -9.07
N SER C 26 -4.85 24.11 -8.09
CA SER C 26 -5.52 25.40 -8.06
C SER C 26 -4.62 26.52 -7.60
N GLN C 27 -3.53 26.21 -6.90
CA GLN C 27 -2.57 27.20 -6.43
C GLN C 27 -1.17 26.63 -6.60
N ASP C 28 -0.17 27.52 -6.55
CA ASP C 28 1.21 27.09 -6.63
C ASP C 28 1.55 26.27 -5.38
N ILE C 29 1.94 25.02 -5.58
CA ILE C 29 2.19 24.11 -4.47
C ILE C 29 3.62 23.59 -4.51
N SER C 30 4.53 24.39 -5.06
CA SER C 30 5.97 24.09 -5.07
C SER C 30 6.16 22.76 -5.81
N ASN C 31 6.82 21.77 -5.20
CA ASN C 31 6.85 20.41 -5.72
C ASN C 31 6.31 19.42 -4.70
N TYR C 32 5.48 19.90 -3.77
CA TYR C 32 4.98 19.08 -2.66
C TYR C 32 3.76 18.27 -3.10
N LEU C 33 3.97 17.47 -4.15
CA LEU C 33 2.94 16.60 -4.68
C LEU C 33 3.38 15.15 -4.58
N ASN C 34 2.41 14.27 -4.35
CA ASN C 34 2.64 12.84 -4.18
C ASN C 34 1.67 12.06 -5.05
N TRP C 35 2.09 10.87 -5.48
CA TRP C 35 1.34 10.02 -6.38
C TRP C 35 1.19 8.64 -5.75
N TYR C 36 -0.07 8.23 -5.57
CA TYR C 36 -0.48 6.97 -4.96
C TYR C 36 -1.07 6.03 -5.99
N GLN C 37 -0.91 4.73 -5.72
CA GLN C 37 -1.51 3.64 -6.48
C GLN C 37 -2.43 2.89 -5.54
N GLN C 38 -3.71 2.76 -5.89
CA GLN C 38 -4.67 2.04 -5.06
C GLN C 38 -5.36 0.99 -5.91
N ARG C 39 -5.10 -0.24 -5.62
CA ARG C 39 -5.77 -1.37 -6.24
C ARG C 39 -7.02 -1.74 -5.44
N PRO C 40 -8.02 -2.33 -6.09
CA PRO C 40 -9.32 -2.48 -5.43
C PRO C 40 -9.25 -3.30 -4.14
N GLY C 41 -9.87 -2.75 -3.10
CA GLY C 41 -9.90 -3.38 -1.80
C GLY C 41 -8.69 -3.12 -0.92
N LYS C 42 -7.60 -2.62 -1.49
CA LYS C 42 -6.39 -2.37 -0.74
C LYS C 42 -6.28 -0.89 -0.37
N ALA C 43 -5.35 -0.61 0.55
CA ALA C 43 -5.04 0.76 0.91
C ALA C 43 -4.17 1.40 -0.17
N PRO C 44 -4.16 2.73 -0.25
CA PRO C 44 -3.27 3.39 -1.22
C PRO C 44 -1.81 3.08 -0.93
N LYS C 45 -1.00 3.16 -1.98
CA LYS C 45 0.42 2.82 -1.90
C LYS C 45 1.22 3.97 -2.52
N LEU C 46 2.12 4.54 -1.74
CA LEU C 46 2.95 5.66 -2.22
C LEU C 46 3.91 5.17 -3.29
N LEU C 47 3.80 5.73 -4.50
CA LEU C 47 4.76 5.48 -5.56
C LEU C 47 5.73 6.63 -5.76
N ILE C 48 5.21 7.85 -5.92
CA ILE C 48 6.06 9.00 -6.22
C ILE C 48 5.84 10.04 -5.12
N TYR C 49 6.91 10.72 -4.72
CA TYR C 49 6.79 11.71 -3.66
C TYR C 49 7.68 12.90 -3.95
N ASP C 50 7.23 14.08 -3.52
CA ASP C 50 7.84 15.36 -3.85
C ASP C 50 8.06 15.48 -5.37
N ALA C 51 6.97 15.23 -6.11
CA ALA C 51 6.86 15.44 -7.55
C ALA C 51 7.60 14.38 -8.38
N SER C 52 8.82 14.03 -8.01
CA SER C 52 9.63 13.22 -8.92
C SER C 52 10.45 12.11 -8.28
N ASN C 53 10.50 11.99 -6.95
CA ASN C 53 11.42 11.04 -6.31
C ASN C 53 10.75 9.68 -6.16
N LEU C 54 11.33 8.66 -6.79
CA LEU C 54 10.82 7.30 -6.68
C LEU C 54 11.04 6.77 -5.26
N GLU C 55 9.96 6.28 -4.65
CA GLU C 55 10.05 5.76 -3.29
C GLU C 55 10.54 4.31 -3.33
N THR C 56 11.34 3.95 -2.32
CA THR C 56 12.08 2.69 -2.33
C THR C 56 11.17 1.49 -2.57
N GLY C 57 11.63 0.56 -3.41
CA GLY C 57 10.89 -0.62 -3.75
C GLY C 57 10.05 -0.51 -5.00
N VAL C 58 9.71 0.71 -5.42
CA VAL C 58 8.85 0.94 -6.58
C VAL C 58 9.67 0.76 -7.85
N PRO C 59 9.14 0.06 -8.87
CA PRO C 59 9.95 -0.26 -10.05
C PRO C 59 10.43 0.98 -10.80
N SER C 60 11.43 0.77 -11.64
CA SER C 60 12.08 1.85 -12.38
C SER C 60 11.14 2.52 -13.37
N ARG C 61 10.05 1.86 -13.76
CA ARG C 61 9.22 2.35 -14.85
C ARG C 61 8.29 3.49 -14.44
N PHE C 62 8.18 3.78 -13.15
CA PHE C 62 7.33 4.88 -12.69
C PHE C 62 8.13 6.18 -12.67
N SER C 63 7.45 7.27 -13.04
CA SER C 63 8.11 8.55 -13.31
C SER C 63 7.24 9.68 -12.78
N GLY C 64 7.90 10.73 -12.31
CA GLY C 64 7.20 11.92 -11.87
C GLY C 64 7.90 13.17 -12.37
N SER C 65 7.11 14.16 -12.74
CA SER C 65 7.67 15.41 -13.25
C SER C 65 6.72 16.56 -12.91
N GLY C 66 7.29 17.76 -12.86
CA GLY C 66 6.49 18.95 -12.68
C GLY C 66 6.90 19.85 -11.53
N SER C 67 6.52 21.12 -11.62
CA SER C 67 6.72 22.10 -10.56
C SER C 67 5.67 23.18 -10.72
N GLY C 68 5.38 23.86 -9.61
CA GLY C 68 4.37 24.90 -9.64
C GLY C 68 2.96 24.37 -9.51
N THR C 69 2.23 24.29 -10.63
CA THR C 69 0.83 23.88 -10.61
C THR C 69 0.49 22.73 -11.55
N ASP C 70 1.27 22.48 -12.60
CA ASP C 70 1.04 21.36 -13.49
C ASP C 70 2.05 20.25 -13.17
N PHE C 71 1.55 19.02 -13.07
CA PHE C 71 2.39 17.88 -12.77
C PHE C 71 1.99 16.71 -13.66
N THR C 72 2.96 15.81 -13.89
CA THR C 72 2.72 14.64 -14.71
C THR C 72 3.31 13.40 -14.03
N PHE C 73 2.65 12.28 -14.26
CA PHE C 73 3.00 10.97 -13.71
C PHE C 73 3.04 10.00 -14.87
N THR C 74 4.15 9.30 -15.04
CA THR C 74 4.38 8.51 -16.24
C THR C 74 4.71 7.06 -15.89
N ILE C 75 4.17 6.14 -16.67
CA ILE C 75 4.54 4.73 -16.61
C ILE C 75 5.30 4.41 -17.89
N SER C 76 6.57 3.99 -17.73
CA SER C 76 7.47 3.74 -18.84
C SER C 76 6.88 2.78 -19.86
N SER C 77 6.74 1.51 -19.48
CA SER C 77 6.06 0.53 -20.32
C SER C 77 5.11 -0.26 -19.43
N LEU C 78 3.81 -0.07 -19.65
CA LEU C 78 2.77 -0.62 -18.78
C LEU C 78 2.87 -2.13 -18.66
N GLN C 79 2.58 -2.63 -17.46
CA GLN C 79 2.59 -4.06 -17.17
C GLN C 79 1.26 -4.48 -16.54
N PRO C 80 0.92 -5.79 -16.60
CA PRO C 80 -0.45 -6.19 -16.24
C PRO C 80 -0.86 -5.85 -14.82
N GLU C 81 0.07 -5.82 -13.87
CA GLU C 81 -0.26 -5.54 -12.49
C GLU C 81 -0.31 -4.05 -12.18
N ASP C 82 -0.24 -3.19 -13.19
CA ASP C 82 -0.27 -1.75 -13.00
C ASP C 82 -1.69 -1.18 -12.90
N ILE C 83 -2.72 -2.00 -13.13
CA ILE C 83 -4.08 -1.47 -13.10
C ILE C 83 -4.46 -1.12 -11.68
N ALA C 84 -4.93 0.11 -11.49
CA ALA C 84 -5.32 0.63 -10.19
C ALA C 84 -5.96 1.99 -10.45
N THR C 85 -6.37 2.65 -9.37
CA THR C 85 -6.75 4.05 -9.41
C THR C 85 -5.60 4.84 -8.79
N TYR C 86 -5.09 5.80 -9.53
CA TYR C 86 -3.95 6.60 -9.09
C TYR C 86 -4.46 7.95 -8.60
N TYR C 87 -3.82 8.44 -7.54
CA TYR C 87 -4.23 9.70 -6.92
C TYR C 87 -3.03 10.63 -6.80
N CYS C 88 -3.29 11.93 -6.88
CA CYS C 88 -2.30 12.95 -6.59
C CYS C 88 -2.72 13.72 -5.34
N GLN C 89 -1.76 14.00 -4.47
CA GLN C 89 -2.01 14.60 -3.17
C GLN C 89 -1.04 15.73 -2.91
N GLN C 90 -1.54 16.87 -2.47
CA GLN C 90 -0.70 18.00 -2.12
C GLN C 90 -0.66 18.19 -0.61
N TYR C 91 0.50 18.64 -0.11
CA TYR C 91 0.65 19.00 1.29
C TYR C 91 1.37 20.33 1.44
N ASP C 92 1.38 21.16 0.40
CA ASP C 92 1.96 22.50 0.50
C ASP C 92 1.25 23.33 1.56
N ASN C 93 -0.09 23.27 1.58
CA ASN C 93 -0.90 24.13 2.42
C ASN C 93 -2.03 23.27 2.98
N PRO C 94 -2.21 23.24 4.30
CA PRO C 94 -3.35 22.54 4.87
C PRO C 94 -4.65 23.13 4.35
N PRO C 95 -5.72 22.31 4.24
CA PRO C 95 -5.68 20.88 4.53
C PRO C 95 -5.15 20.07 3.34
N LEU C 96 -4.57 18.91 3.62
CA LEU C 96 -4.05 18.05 2.55
C LEU C 96 -5.21 17.53 1.72
N THR C 97 -5.16 17.76 0.41
CA THR C 97 -6.20 17.35 -0.50
C THR C 97 -5.65 16.40 -1.55
N PHE C 98 -6.49 15.48 -1.99
CA PHE C 98 -6.16 14.56 -3.06
C PHE C 98 -6.90 14.97 -4.33
N GLY C 99 -6.44 14.44 -5.46
CA GLY C 99 -7.13 14.62 -6.72
C GLY C 99 -8.33 13.70 -6.83
N GLY C 100 -8.98 13.78 -8.00
CA GLY C 100 -10.16 12.96 -8.22
C GLY C 100 -9.86 11.50 -8.44
N GLY C 101 -8.72 11.19 -9.06
CA GLY C 101 -8.33 9.84 -9.35
C GLY C 101 -8.34 9.55 -10.84
N THR C 102 -7.56 8.54 -11.22
CA THR C 102 -7.46 8.11 -12.61
C THR C 102 -7.49 6.58 -12.63
N LYS C 103 -8.56 6.02 -13.17
CA LYS C 103 -8.71 4.56 -13.25
C LYS C 103 -7.95 4.06 -14.47
N LEU C 104 -7.02 3.13 -14.25
CA LEU C 104 -6.16 2.60 -15.29
C LEU C 104 -6.54 1.16 -15.57
N GLU C 105 -6.76 0.84 -16.85
CA GLU C 105 -7.19 -0.49 -17.27
C GLU C 105 -6.35 -0.96 -18.45
N ILE C 106 -6.28 -2.28 -18.60
CA ILE C 106 -5.50 -2.92 -19.66
C ILE C 106 -6.37 -3.13 -20.88
N LYS C 107 -5.83 -2.84 -22.06
CA LYS C 107 -6.42 -3.26 -23.31
C LYS C 107 -5.76 -4.57 -23.74
N ARG C 108 -6.60 -5.57 -24.01
CA ARG C 108 -6.16 -6.95 -24.18
C ARG C 108 -6.80 -7.52 -25.44
N THR C 109 -6.35 -8.69 -25.86
CA THR C 109 -7.03 -9.36 -26.96
C THR C 109 -8.30 -10.03 -26.45
N VAL C 110 -9.21 -10.31 -27.38
CA VAL C 110 -10.51 -10.87 -27.01
C VAL C 110 -10.32 -12.28 -26.50
N ALA C 111 -10.91 -12.57 -25.34
CA ALA C 111 -10.87 -13.89 -24.73
C ALA C 111 -12.29 -14.33 -24.39
N ALA C 112 -12.65 -15.54 -24.82
CA ALA C 112 -13.99 -16.06 -24.58
C ALA C 112 -14.12 -16.57 -23.15
N PRO C 113 -15.30 -16.41 -22.54
CA PRO C 113 -15.49 -16.85 -21.16
C PRO C 113 -15.68 -18.35 -21.05
N SER C 114 -15.31 -18.88 -19.89
CA SER C 114 -15.59 -20.26 -19.54
C SER C 114 -16.85 -20.31 -18.67
N VAL C 115 -17.88 -20.98 -19.16
CA VAL C 115 -19.20 -20.91 -18.53
C VAL C 115 -19.45 -22.17 -17.70
N PHE C 116 -19.87 -21.97 -16.46
CA PHE C 116 -20.29 -23.06 -15.58
C PHE C 116 -21.62 -22.66 -14.92
N ILE C 117 -22.38 -23.67 -14.51
CA ILE C 117 -23.66 -23.45 -13.85
C ILE C 117 -23.72 -24.29 -12.58
N PHE C 118 -24.36 -23.75 -11.55
CA PHE C 118 -24.46 -24.38 -10.24
C PHE C 118 -25.92 -24.41 -9.82
N PRO C 119 -26.53 -25.58 -9.74
CA PRO C 119 -27.90 -25.68 -9.22
C PRO C 119 -27.91 -25.41 -7.73
N PRO C 120 -29.09 -25.11 -7.17
CA PRO C 120 -29.17 -24.85 -5.72
C PRO C 120 -28.75 -26.07 -4.92
N SER C 121 -27.99 -25.83 -3.86
CA SER C 121 -27.58 -26.91 -2.97
C SER C 121 -28.77 -27.38 -2.14
N ASP C 122 -28.72 -28.66 -1.75
CA ASP C 122 -29.79 -29.22 -0.91
C ASP C 122 -29.85 -28.50 0.44
N GLU C 123 -28.68 -28.18 0.99
CA GLU C 123 -28.61 -27.42 2.25
C GLU C 123 -29.46 -26.17 2.18
N GLN C 124 -29.37 -25.43 1.06
CA GLN C 124 -30.13 -24.20 0.92
C GLN C 124 -31.60 -24.49 0.60
N LEU C 125 -31.87 -25.51 -0.21
CA LEU C 125 -33.25 -25.87 -0.51
C LEU C 125 -34.03 -26.17 0.75
N LYS C 126 -33.36 -26.70 1.78
CA LYS C 126 -34.05 -26.96 3.04
C LYS C 126 -34.40 -25.67 3.79
N SER C 127 -33.83 -24.53 3.41
CA SER C 127 -34.15 -23.26 4.05
C SER C 127 -35.28 -22.51 3.35
N GLY C 128 -35.79 -23.02 2.23
CA GLY C 128 -36.95 -22.47 1.59
C GLY C 128 -36.69 -21.64 0.34
N THR C 129 -35.43 -21.38 0.00
CA THR C 129 -35.08 -20.61 -1.18
C THR C 129 -34.10 -21.40 -2.04
N ALA C 130 -34.01 -21.01 -3.31
CA ALA C 130 -33.18 -21.71 -4.28
C ALA C 130 -32.40 -20.67 -5.09
N SER C 131 -31.07 -20.76 -5.06
CA SER C 131 -30.20 -19.84 -5.76
C SER C 131 -29.42 -20.60 -6.83
N VAL C 132 -29.70 -20.31 -8.09
CA VAL C 132 -28.95 -20.83 -9.21
C VAL C 132 -27.86 -19.84 -9.57
N VAL C 133 -26.64 -20.32 -9.80
CA VAL C 133 -25.49 -19.45 -10.03
C VAL C 133 -24.88 -19.78 -11.39
N CYS C 134 -24.72 -18.78 -12.25
CA CYS C 134 -23.97 -18.93 -13.48
C CYS C 134 -22.68 -18.13 -13.38
N LEU C 135 -21.58 -18.76 -13.81
CA LEU C 135 -20.25 -18.19 -13.67
C LEU C 135 -19.57 -18.13 -15.03
N LEU C 136 -19.01 -16.97 -15.35
CA LEU C 136 -18.25 -16.76 -16.57
C LEU C 136 -16.82 -16.41 -16.17
N ASN C 137 -15.88 -17.28 -16.50
CA ASN C 137 -14.52 -17.20 -15.99
C ASN C 137 -13.58 -16.65 -17.06
N ASN C 138 -12.82 -15.62 -16.66
CA ASN C 138 -11.69 -15.07 -17.40
C ASN C 138 -12.03 -14.75 -18.85
N PHE C 139 -12.75 -13.66 -19.05
CA PHE C 139 -13.12 -13.21 -20.39
C PHE C 139 -12.72 -11.75 -20.56
N TYR C 140 -12.64 -11.34 -21.83
CA TYR C 140 -12.38 -9.96 -22.23
C TYR C 140 -12.86 -9.84 -23.66
N PRO C 141 -13.55 -8.75 -24.03
CA PRO C 141 -13.88 -7.56 -23.25
C PRO C 141 -14.89 -7.79 -22.13
N ARG C 142 -15.10 -6.73 -21.34
CA ARG C 142 -15.92 -6.81 -20.13
C ARG C 142 -17.40 -7.07 -20.46
N GLU C 143 -17.87 -6.57 -21.60
CA GLU C 143 -19.30 -6.61 -21.90
C GLU C 143 -19.71 -8.02 -22.28
N ALA C 144 -20.65 -8.60 -21.53
CA ALA C 144 -21.18 -9.92 -21.80
C ALA C 144 -22.66 -9.93 -21.46
N LYS C 145 -23.43 -10.74 -22.20
CA LYS C 145 -24.87 -10.84 -22.00
C LYS C 145 -25.18 -12.22 -21.42
N VAL C 146 -25.88 -12.22 -20.28
CA VAL C 146 -26.27 -13.45 -19.59
C VAL C 146 -27.79 -13.49 -19.54
N GLN C 147 -28.38 -14.52 -20.14
CA GLN C 147 -29.82 -14.69 -20.19
C GLN C 147 -30.19 -15.97 -19.45
N TRP C 148 -31.11 -15.85 -18.50
CA TRP C 148 -31.62 -16.99 -17.75
C TRP C 148 -32.85 -17.52 -18.46
N LYS C 149 -32.81 -18.79 -18.89
CA LYS C 149 -33.94 -19.44 -19.51
C LYS C 149 -34.46 -20.52 -18.57
N VAL C 150 -35.75 -20.47 -18.28
CA VAL C 150 -36.39 -21.38 -17.34
C VAL C 150 -37.49 -22.09 -18.10
N ASP C 151 -37.25 -23.36 -18.47
CA ASP C 151 -38.12 -24.10 -19.38
C ASP C 151 -38.31 -23.33 -20.68
N ASN C 152 -37.21 -22.76 -21.18
CA ASN C 152 -37.13 -21.98 -22.42
C ASN C 152 -37.87 -20.66 -22.33
N ALA C 153 -38.39 -20.29 -21.16
CA ALA C 153 -38.92 -18.97 -20.92
C ALA C 153 -37.89 -18.14 -20.17
N LEU C 154 -37.94 -16.82 -20.37
CA LEU C 154 -36.90 -15.91 -19.91
C LEU C 154 -37.34 -15.21 -18.64
N GLN C 155 -36.62 -15.45 -17.55
CA GLN C 155 -36.91 -14.73 -16.31
C GLN C 155 -36.39 -13.31 -16.39
N SER C 156 -37.10 -12.40 -15.72
CA SER C 156 -36.72 -11.00 -15.66
C SER C 156 -36.93 -10.49 -14.24
N GLY C 157 -35.90 -9.85 -13.69
CA GLY C 157 -36.04 -9.15 -12.42
C GLY C 157 -35.78 -9.96 -11.18
N ASN C 158 -35.33 -11.21 -11.30
CA ASN C 158 -35.06 -12.04 -10.14
C ASN C 158 -33.60 -12.47 -10.05
N SER C 159 -32.74 -11.95 -10.91
CA SER C 159 -31.32 -12.27 -10.91
C SER C 159 -30.51 -11.00 -10.72
N GLN C 160 -29.23 -11.18 -10.38
CA GLN C 160 -28.33 -10.06 -10.23
C GLN C 160 -26.93 -10.45 -10.65
N GLU C 161 -26.21 -9.48 -11.23
CA GLU C 161 -24.87 -9.68 -11.77
C GLU C 161 -23.82 -9.04 -10.87
N SER C 162 -22.61 -9.57 -10.97
CA SER C 162 -21.45 -9.13 -10.18
C SER C 162 -20.21 -9.35 -11.04
N VAL C 163 -19.38 -8.33 -11.18
CA VAL C 163 -18.19 -8.45 -12.01
C VAL C 163 -16.96 -8.19 -11.15
N THR C 164 -15.97 -9.06 -11.26
CA THR C 164 -14.68 -8.80 -10.64
C THR C 164 -13.98 -7.66 -11.37
N GLU C 165 -13.04 -7.02 -10.69
CA GLU C 165 -12.22 -6.06 -11.39
C GLU C 165 -11.07 -6.78 -12.09
N GLN C 166 -10.51 -6.10 -13.10
CA GLN C 166 -9.59 -6.73 -14.02
C GLN C 166 -8.43 -7.41 -13.29
N ASP C 167 -8.04 -8.58 -13.81
CA ASP C 167 -7.00 -9.38 -13.17
C ASP C 167 -5.62 -8.78 -13.40
N SER C 168 -4.73 -9.00 -12.44
CA SER C 168 -3.38 -8.45 -12.48
C SER C 168 -2.39 -9.36 -13.19
N LYS C 169 -2.82 -10.51 -13.69
CA LYS C 169 -1.91 -11.45 -14.35
C LYS C 169 -2.30 -11.74 -15.80
N ASP C 170 -3.59 -11.93 -16.09
CA ASP C 170 -4.04 -12.13 -17.45
C ASP C 170 -5.01 -11.04 -17.93
N SER C 171 -5.29 -10.03 -17.10
CA SER C 171 -6.05 -8.85 -17.51
C SER C 171 -7.46 -9.21 -17.99
N THR C 172 -8.09 -10.14 -17.29
CA THR C 172 -9.42 -10.63 -17.67
C THR C 172 -10.45 -10.26 -16.60
N TYR C 173 -11.71 -10.52 -16.94
CA TYR C 173 -12.83 -10.29 -16.05
C TYR C 173 -13.56 -11.59 -15.77
N SER C 174 -14.28 -11.62 -14.65
CA SER C 174 -15.13 -12.75 -14.30
C SER C 174 -16.51 -12.21 -13.91
N LEU C 175 -17.54 -12.99 -14.23
CA LEU C 175 -18.91 -12.53 -14.03
C LEU C 175 -19.71 -13.58 -13.27
N SER C 176 -20.53 -13.07 -12.34
CA SER C 176 -21.44 -13.82 -11.50
C SER C 176 -22.85 -13.39 -11.86
N SER C 177 -23.74 -14.35 -12.10
CA SER C 177 -25.15 -14.03 -12.30
C SER C 177 -25.97 -15.02 -11.49
N THR C 178 -26.68 -14.53 -10.48
CA THR C 178 -27.38 -15.38 -9.54
C THR C 178 -28.88 -15.12 -9.63
N LEU C 179 -29.64 -16.16 -9.92
CA LEU C 179 -31.10 -16.10 -9.95
C LEU C 179 -31.62 -16.81 -8.71
N THR C 180 -32.39 -16.10 -7.88
CA THR C 180 -32.89 -16.65 -6.63
C THR C 180 -34.42 -16.67 -6.65
N LEU C 181 -34.98 -17.87 -6.54
CA LEU C 181 -36.42 -18.08 -6.47
C LEU C 181 -36.78 -18.64 -5.10
N SER C 182 -38.08 -18.61 -4.80
CA SER C 182 -38.59 -19.40 -3.70
C SER C 182 -38.60 -20.88 -4.10
N LYS C 183 -38.45 -21.75 -3.10
CA LYS C 183 -38.43 -23.18 -3.39
C LYS C 183 -39.72 -23.62 -4.09
N ALA C 184 -40.86 -23.06 -3.67
CA ALA C 184 -42.13 -23.37 -4.31
C ALA C 184 -42.10 -22.99 -5.79
N ASP C 185 -41.69 -21.75 -6.09
CA ASP C 185 -41.54 -21.34 -7.48
C ASP C 185 -40.45 -22.15 -8.16
N TYR C 186 -39.38 -22.48 -7.43
CA TYR C 186 -38.25 -23.19 -8.03
C TYR C 186 -38.67 -24.54 -8.59
N GLU C 187 -39.46 -25.29 -7.84
CA GLU C 187 -39.87 -26.63 -8.27
C GLU C 187 -41.14 -26.62 -9.12
N LYS C 188 -41.53 -25.45 -9.65
CA LYS C 188 -42.55 -25.39 -10.69
C LYS C 188 -41.98 -25.70 -12.08
N HIS C 189 -40.67 -25.59 -12.24
CA HIS C 189 -40.01 -25.71 -13.52
C HIS C 189 -39.00 -26.86 -13.47
N LYS C 190 -38.54 -27.26 -14.65
CA LYS C 190 -37.66 -28.42 -14.79
C LYS C 190 -36.29 -28.12 -15.39
N VAL C 191 -36.20 -27.18 -16.33
CA VAL C 191 -34.96 -26.91 -17.05
C VAL C 191 -34.48 -25.52 -16.69
N TYR C 192 -33.24 -25.42 -16.22
CA TYR C 192 -32.60 -24.13 -15.97
C TYR C 192 -31.41 -24.00 -16.90
N ALA C 193 -31.30 -22.87 -17.60
CA ALA C 193 -30.27 -22.71 -18.61
C ALA C 193 -29.70 -21.29 -18.53
N CYS C 194 -28.40 -21.20 -18.78
CA CYS C 194 -27.65 -19.95 -18.83
C CYS C 194 -27.14 -19.80 -20.25
N GLU C 195 -27.73 -18.86 -21.00
CA GLU C 195 -27.25 -18.57 -22.35
C GLU C 195 -26.39 -17.32 -22.29
N VAL C 196 -25.16 -17.44 -22.78
CA VAL C 196 -24.17 -16.38 -22.71
C VAL C 196 -23.81 -15.95 -24.12
N THR C 197 -23.81 -14.65 -24.36
CA THR C 197 -23.34 -14.08 -25.61
C THR C 197 -22.19 -13.12 -25.32
N HIS C 198 -21.07 -13.32 -26.01
CA HIS C 198 -19.87 -12.52 -25.82
C HIS C 198 -19.13 -12.44 -27.14
N GLN C 199 -18.35 -11.37 -27.31
CA GLN C 199 -17.66 -11.13 -28.57
C GLN C 199 -16.73 -12.29 -28.94
N GLY C 200 -16.11 -12.94 -27.95
CA GLY C 200 -15.21 -14.04 -28.23
C GLY C 200 -15.89 -15.33 -28.62
N LEU C 201 -17.21 -15.43 -28.45
CA LEU C 201 -17.95 -16.63 -28.78
C LEU C 201 -18.59 -16.48 -30.15
N SER C 202 -18.29 -17.42 -31.05
CA SER C 202 -18.86 -17.37 -32.39
C SER C 202 -20.38 -17.49 -32.36
N SER C 203 -20.91 -18.15 -31.33
CA SER C 203 -22.35 -18.32 -31.18
C SER C 203 -22.66 -18.35 -29.69
N PRO C 204 -23.87 -17.95 -29.29
CA PRO C 204 -24.23 -18.00 -27.87
C PRO C 204 -24.10 -19.41 -27.30
N VAL C 205 -23.50 -19.50 -26.12
CA VAL C 205 -23.20 -20.78 -25.49
C VAL C 205 -24.14 -20.97 -24.30
N THR C 206 -24.77 -22.15 -24.22
CA THR C 206 -25.77 -22.42 -23.20
C THR C 206 -25.32 -23.55 -22.31
N LYS C 207 -25.45 -23.35 -20.99
CA LYS C 207 -25.19 -24.38 -19.99
C LYS C 207 -26.49 -24.61 -19.22
N SER C 208 -26.97 -25.85 -19.22
CA SER C 208 -28.28 -26.14 -18.67
C SER C 208 -28.21 -27.32 -17.71
N PHE C 209 -29.31 -27.49 -16.95
CA PHE C 209 -29.45 -28.61 -16.03
C PHE C 209 -30.93 -28.86 -15.78
N ASN C 210 -31.24 -30.12 -15.45
CA ASN C 210 -32.60 -30.56 -15.18
C ASN C 210 -32.79 -30.71 -13.68
N ARG C 211 -33.76 -29.97 -13.14
CA ARG C 211 -34.00 -29.97 -11.70
C ARG C 211 -34.37 -31.38 -11.22
N GLY C 212 -33.73 -31.79 -10.13
CA GLY C 212 -33.94 -33.10 -9.55
C GLY C 212 -32.92 -34.15 -9.94
N GLU C 213 -32.10 -33.89 -10.95
CA GLU C 213 -31.12 -34.86 -11.42
C GLU C 213 -29.71 -34.45 -11.06
#